data_5TZ1
#
_entry.id   5TZ1
#
_cell.length_a   177.640
_cell.length_b   71.440
_cell.length_c   79.190
_cell.angle_alpha   90.00
_cell.angle_beta   96.63
_cell.angle_gamma   90.00
#
_symmetry.space_group_name_H-M   'C 1 2 1'
#
loop_
_entity.id
_entity.type
_entity.pdbx_description
1 polymer 'Sterol 14-alpha demethylase'
2 non-polymer 'PROTOPORPHYRIN IX CONTAINING FE'
3 non-polymer (R)-2-(2,4-Difluorophenyl)-1,1-difluoro-3-(1H-tetrazol-1-yl)-1-(5-(4-(2,2,2-trifluoroethoxy)phenyl)pyridin-2-yl)propan-2-ol
4 water water
#
_entity_poly.entity_id   1
_entity_poly.type   'polypeptide(L)'
_entity_poly.pdbx_seq_one_letter_code
;MAKKTPPLVFYWIPWFGSAASYGQQPYEFFESCRQKYGDVFSFMLLGKIMTVYLGPKGHEFVFNAKLSDVSAEEAYKHLT
TPVFGTGVIYDCPNSRLMEQKKFAKFALTTDSFKRYVPKIREEILNYFVTDESFKLKEKTHGVANVMKTQPEITIFTASR
SLFGDEMRRIFDRSFAQLYSDLDKGFTPINFVFPNLPLPHYWRRDAAQKKISATYMKEIKLRRERGDIDPNRDLIDSLLI
HSTYKDGVKMTDQEIANLLIGILMGGQHTSASTSAWFLLHLGEKPHLQDVIYQEVVELLKEKGGDLNDLTYEDLQKLPSV
NNTIKETLRMHMPLHSIFRKVTNPLRIPETNYIVPKGHYVLVSPGYAHTSERYFDNPEDFDPTRWDTAAAKANSVSFNSS
DEVDYGFGKVSKGVSSPYLPFGGGRHRCIGEQFAYVQLGTILTTFVYNLRWTIDGYKVPDPDYSSMVVLPTEPAEIIWEK
RETCMFHHHH
;
_entity_poly.pdbx_strand_id   A,B
#
loop_
_chem_comp.id
_chem_comp.type
_chem_comp.name
_chem_comp.formula
HEM non-polymer 'PROTOPORPHYRIN IX CONTAINING FE' 'C34 H32 Fe N4 O4'
VT1 non-polymer (R)-2-(2,4-Difluorophenyl)-1,1-difluoro-3-(1H-tetrazol-1-yl)-1-(5-(4-(2,2,2-trifluoroethoxy)phenyl)pyridin-2-yl)propan-2-ol 'C23 H16 F7 N5 O2'
#
# COMPACT_ATOMS: atom_id res chain seq x y z
N LYS A 3 -37.22 -5.14 3.63
CA LYS A 3 -37.07 -6.58 3.45
C LYS A 3 -35.92 -7.10 4.29
N LYS A 4 -34.82 -6.38 4.25
CA LYS A 4 -33.63 -6.87 4.92
C LYS A 4 -32.77 -5.71 5.43
N THR A 5 -32.10 -5.93 6.56
CA THR A 5 -31.09 -5.00 7.03
C THR A 5 -29.75 -5.37 6.42
N PRO A 6 -28.93 -4.37 6.04
CA PRO A 6 -27.69 -4.67 5.34
C PRO A 6 -26.79 -5.62 6.13
N PRO A 7 -25.93 -6.36 5.43
CA PRO A 7 -25.04 -7.29 6.11
C PRO A 7 -24.14 -6.61 7.13
N LEU A 8 -24.11 -7.15 8.34
CA LEU A 8 -23.26 -6.61 9.40
C LEU A 8 -21.89 -7.28 9.36
N VAL A 9 -20.85 -6.46 9.40
CA VAL A 9 -19.48 -6.95 9.35
C VAL A 9 -19.09 -7.59 10.68
N PHE A 10 -18.64 -8.82 10.60
CA PHE A 10 -18.34 -9.58 11.81
C PHE A 10 -17.24 -8.96 12.67
N TYR A 11 -17.45 -9.01 13.98
CA TYR A 11 -16.47 -8.48 14.92
C TYR A 11 -16.42 -9.36 16.17
N TRP A 12 -15.27 -9.38 16.84
CA TRP A 12 -15.14 -10.19 18.05
C TRP A 12 -15.43 -9.38 19.32
N ILE A 13 -14.78 -8.21 19.43
CA ILE A 13 -14.92 -7.39 20.63
C ILE A 13 -16.31 -6.77 20.71
N PRO A 14 -17.06 -7.13 21.75
CA PRO A 14 -18.44 -6.70 21.88
C PRO A 14 -18.64 -5.20 21.82
N TRP A 15 -17.72 -4.39 22.32
CA TRP A 15 -17.99 -2.95 22.26
C TRP A 15 -17.34 -2.30 21.06
N PHE A 16 -16.04 -2.53 21.05
CA PHE A 16 -15.15 -1.94 20.08
C PHE A 16 -15.67 -2.10 18.66
N GLY A 17 -16.24 -3.26 18.38
CA GLY A 17 -16.67 -3.55 17.01
C GLY A 17 -15.49 -3.59 16.06
N SER A 18 -15.54 -2.74 15.04
CA SER A 18 -14.52 -2.67 14.00
C SER A 18 -13.69 -1.40 14.12
N ALA A 19 -13.80 -0.75 15.27
CA ALA A 19 -13.17 0.55 15.50
C ALA A 19 -11.68 0.55 15.15
N ALA A 20 -10.96 -0.45 15.66
CA ALA A 20 -9.53 -0.54 15.44
C ALA A 20 -9.19 -0.43 13.96
N SER A 21 -9.83 -1.27 13.15
CA SER A 21 -9.52 -1.33 11.73
C SER A 21 -10.05 -0.10 10.99
N TYR A 22 -11.30 0.25 11.25
CA TYR A 22 -11.89 1.46 10.66
C TYR A 22 -11.06 2.69 11.03
N GLY A 23 -10.60 2.72 12.27
CA GLY A 23 -9.87 3.88 12.79
C GLY A 23 -8.48 4.01 12.20
N GLN A 24 -7.77 2.90 12.07
CA GLN A 24 -6.43 2.90 11.49
C GLN A 24 -6.36 3.22 10.04
N GLN A 25 -7.25 2.63 9.28
CA GLN A 25 -7.30 2.87 7.85
C GLN A 25 -8.74 2.68 7.39
N PRO A 26 -9.46 3.79 7.19
CA PRO A 26 -10.87 3.76 6.84
C PRO A 26 -11.12 3.21 5.43
N TYR A 27 -10.30 3.64 4.48
CA TYR A 27 -10.49 3.26 3.08
C TYR A 27 -10.17 1.78 2.85
N GLU A 28 -9.05 1.33 3.42
CA GLU A 28 -8.68 -0.08 3.35
C GLU A 28 -9.79 -0.93 3.96
N PHE A 29 -10.27 -0.52 5.13
CA PHE A 29 -11.33 -1.22 5.83
C PHE A 29 -12.57 -1.35 4.93
N PHE A 30 -12.96 -0.23 4.34
CA PHE A 30 -14.12 -0.20 3.45
C PHE A 30 -13.94 -1.19 2.29
N GLU A 31 -12.72 -1.22 1.75
CA GLU A 31 -12.43 -2.03 0.58
C GLU A 31 -12.49 -3.52 0.91
N SER A 32 -11.98 -3.90 2.07
CA SER A 32 -12.04 -5.27 2.52
C SER A 32 -13.49 -5.69 2.73
N CYS A 33 -14.28 -4.80 3.33
CA CYS A 33 -15.69 -5.05 3.58
C CYS A 33 -16.46 -5.18 2.27
N ARG A 34 -16.12 -4.33 1.31
CA ARG A 34 -16.79 -4.34 0.01
C ARG A 34 -16.58 -5.67 -0.70
N GLN A 35 -15.32 -6.11 -0.74
CA GLN A 35 -14.97 -7.34 -1.44
C GLN A 35 -15.72 -8.55 -0.90
N LYS A 36 -16.15 -8.47 0.36
CA LYS A 36 -16.88 -9.56 0.98
C LYS A 36 -18.39 -9.38 0.87
N TYR A 37 -18.86 -8.15 1.09
CA TYR A 37 -20.28 -7.91 1.29
C TYR A 37 -20.93 -7.10 0.17
N GLY A 38 -20.13 -6.37 -0.58
CA GLY A 38 -20.67 -5.48 -1.61
C GLY A 38 -20.65 -4.04 -1.14
N ASP A 39 -21.30 -3.16 -1.90
CA ASP A 39 -21.18 -1.72 -1.67
C ASP A 39 -21.87 -1.22 -0.41
N VAL A 40 -22.86 -1.98 0.06
CA VAL A 40 -23.64 -1.56 1.23
C VAL A 40 -23.47 -2.55 2.37
N PHE A 41 -22.90 -2.07 3.47
CA PHE A 41 -22.69 -2.90 4.65
C PHE A 41 -22.76 -2.09 5.93
N SER A 42 -22.93 -2.78 7.05
CA SER A 42 -22.91 -2.15 8.37
C SER A 42 -21.71 -2.65 9.17
N PHE A 43 -21.21 -1.79 10.03
CA PHE A 43 -20.15 -2.18 10.96
C PHE A 43 -20.35 -1.50 12.30
N MET A 44 -20.12 -2.26 13.37
CA MET A 44 -20.27 -1.76 14.74
C MET A 44 -19.08 -0.89 15.10
N LEU A 45 -19.34 0.22 15.78
CA LEU A 45 -18.29 1.16 16.17
C LEU A 45 -18.61 1.87 17.48
N LEU A 46 -17.87 1.55 18.54
CA LEU A 46 -18.08 2.18 19.84
C LEU A 46 -19.54 2.14 20.29
N GLY A 47 -20.23 1.06 19.96
CA GLY A 47 -21.62 0.88 20.39
C GLY A 47 -22.62 1.43 19.41
N LYS A 48 -22.12 1.95 18.29
CA LYS A 48 -22.99 2.50 17.25
C LYS A 48 -22.90 1.65 15.99
N ILE A 49 -24.03 1.50 15.31
CA ILE A 49 -24.08 0.75 14.06
C ILE A 49 -23.99 1.71 12.87
N MET A 50 -22.87 1.64 12.15
CA MET A 50 -22.62 2.49 11.00
C MET A 50 -22.97 1.74 9.72
N THR A 51 -23.86 2.33 8.92
CA THR A 51 -24.24 1.72 7.66
C THR A 51 -23.62 2.49 6.50
N VAL A 52 -22.70 1.84 5.80
CA VAL A 52 -21.94 2.47 4.73
C VAL A 52 -22.53 2.20 3.36
N TYR A 53 -22.50 3.21 2.50
CA TYR A 53 -22.86 3.01 1.09
C TYR A 53 -21.75 3.59 0.22
N LEU A 54 -20.90 2.70 -0.30
CA LEU A 54 -19.73 3.10 -1.07
C LEU A 54 -20.08 3.55 -2.48
N GLY A 55 -19.31 4.50 -3.00
CA GLY A 55 -19.41 4.89 -4.40
C GLY A 55 -20.44 5.97 -4.68
N PRO A 56 -20.57 6.37 -5.96
CA PRO A 56 -21.44 7.44 -6.40
C PRO A 56 -22.90 7.26 -5.96
N LYS A 57 -23.38 6.03 -6.00
CA LYS A 57 -24.75 5.74 -5.60
C LYS A 57 -24.92 5.98 -4.10
N GLY A 58 -23.86 5.71 -3.35
CA GLY A 58 -23.82 6.01 -1.93
C GLY A 58 -23.88 7.51 -1.69
N HIS A 59 -23.23 8.26 -2.56
CA HIS A 59 -23.22 9.71 -2.48
C HIS A 59 -24.65 10.24 -2.60
N GLU A 60 -25.36 9.76 -3.62
CA GLU A 60 -26.78 10.08 -3.80
C GLU A 60 -27.57 9.78 -2.53
N PHE A 61 -27.40 8.56 -2.04
CA PHE A 61 -28.22 8.05 -0.95
C PHE A 61 -28.15 8.91 0.31
N VAL A 62 -26.94 9.36 0.64
CA VAL A 62 -26.71 10.04 1.91
C VAL A 62 -26.81 11.57 1.81
N PHE A 63 -26.17 12.14 0.78
CA PHE A 63 -26.15 13.58 0.61
C PHE A 63 -27.53 14.14 0.27
N ASN A 64 -28.28 13.40 -0.54
CA ASN A 64 -29.59 13.84 -0.99
C ASN A 64 -30.73 13.19 -0.21
N ALA A 65 -30.40 12.67 0.97
CA ALA A 65 -31.41 12.07 1.84
C ALA A 65 -32.32 13.16 2.39
N LYS A 66 -33.58 12.80 2.65
CA LYS A 66 -34.57 13.75 3.12
C LYS A 66 -34.30 14.21 4.55
N LEU A 67 -34.58 15.49 4.82
CA LEU A 67 -34.49 16.03 6.16
C LEU A 67 -35.19 15.13 7.18
N SER A 68 -36.30 14.54 6.76
CA SER A 68 -37.15 13.78 7.68
C SER A 68 -36.59 12.39 7.97
N ASP A 69 -35.57 12.01 7.21
CA ASP A 69 -35.04 10.64 7.28
C ASP A 69 -33.70 10.58 8.00
N VAL A 70 -32.85 11.58 7.78
CA VAL A 70 -31.55 11.61 8.43
C VAL A 70 -31.24 12.98 9.01
N SER A 71 -30.37 12.99 10.03
CA SER A 71 -30.01 14.21 10.72
C SER A 71 -28.50 14.34 10.88
N ALA A 72 -27.94 15.41 10.34
CA ALA A 72 -26.51 15.66 10.46
C ALA A 72 -26.16 16.17 11.85
N GLU A 73 -27.06 16.95 12.44
CA GLU A 73 -26.80 17.56 13.74
C GLU A 73 -26.88 16.51 14.86
N GLU A 74 -27.67 15.46 14.62
CA GLU A 74 -27.72 14.34 15.56
C GLU A 74 -26.37 13.65 15.64
N ALA A 75 -25.63 13.66 14.53
CA ALA A 75 -24.35 12.97 14.44
C ALA A 75 -23.17 13.83 14.88
N TYR A 76 -23.32 15.14 14.79
CA TYR A 76 -22.18 16.04 14.98
C TYR A 76 -22.24 16.90 16.24
N LYS A 77 -23.42 16.97 16.86
CA LYS A 77 -23.63 17.87 17.98
C LYS A 77 -22.46 17.93 18.95
N HIS A 78 -22.04 16.76 19.43
CA HIS A 78 -21.06 16.67 20.50
C HIS A 78 -19.64 16.92 20.01
N LEU A 79 -19.47 16.81 18.70
CA LEU A 79 -18.16 17.03 18.07
C LEU A 79 -17.80 18.51 18.02
N THR A 80 -18.80 19.34 17.80
CA THR A 80 -18.57 20.73 17.45
C THR A 80 -19.09 21.74 18.48
N THR A 81 -20.23 21.44 19.08
CA THR A 81 -20.90 22.39 19.97
C THR A 81 -20.01 22.85 21.11
N PRO A 82 -19.26 21.93 21.72
CA PRO A 82 -18.38 22.33 22.83
C PRO A 82 -17.22 23.20 22.37
N VAL A 83 -16.93 23.16 21.08
CA VAL A 83 -15.80 23.91 20.52
C VAL A 83 -16.24 25.28 20.00
N PHE A 84 -17.34 25.29 19.25
CA PHE A 84 -17.80 26.52 18.60
C PHE A 84 -18.66 27.38 19.52
N GLY A 85 -19.56 26.74 20.26
CA GLY A 85 -20.50 27.46 21.11
C GLY A 85 -21.94 27.10 20.80
N THR A 86 -22.85 27.63 21.61
CA THR A 86 -24.26 27.24 21.55
C THR A 86 -25.06 28.05 20.54
N GLY A 87 -25.99 27.36 19.88
CA GLY A 87 -27.01 28.03 19.07
C GLY A 87 -26.69 28.26 17.60
N VAL A 88 -25.59 27.70 17.12
CA VAL A 88 -25.20 27.77 15.72
C VAL A 88 -24.71 26.44 15.22
N ILE A 89 -24.70 26.31 13.93
CA ILE A 89 -24.18 25.15 13.28
C ILE A 89 -25.00 23.95 13.76
N TYR A 90 -24.38 22.94 14.33
CA TYR A 90 -25.13 21.78 14.78
C TYR A 90 -25.95 21.90 16.04
N ASP A 91 -25.90 23.04 16.69
CA ASP A 91 -26.65 23.21 17.94
C ASP A 91 -27.93 24.00 17.68
N CYS A 92 -28.55 23.76 16.54
CA CYS A 92 -29.77 24.44 16.14
C CYS A 92 -30.50 23.63 15.08
N PRO A 93 -31.75 23.97 14.80
CA PRO A 93 -32.47 23.28 13.73
C PRO A 93 -31.80 23.54 12.38
N ASN A 94 -32.07 22.64 11.44
CA ASN A 94 -31.41 22.69 10.14
C ASN A 94 -31.68 23.98 9.39
N SER A 95 -32.89 24.51 9.55
CA SER A 95 -33.28 25.75 8.88
C SER A 95 -32.41 26.92 9.33
N ARG A 96 -32.02 26.92 10.60
CA ARG A 96 -31.14 27.94 11.13
C ARG A 96 -29.75 27.81 10.53
N LEU A 97 -29.29 26.56 10.40
CA LEU A 97 -27.99 26.27 9.79
C LEU A 97 -27.95 26.72 8.34
N MET A 98 -29.01 26.41 7.60
CA MET A 98 -29.08 26.80 6.20
C MET A 98 -28.91 28.30 6.04
N GLU A 99 -29.54 29.07 6.92
CA GLU A 99 -29.50 30.53 6.84
C GLU A 99 -28.15 31.08 7.30
N GLN A 100 -27.56 30.45 8.30
CA GLN A 100 -26.24 30.83 8.78
C GLN A 100 -25.22 30.68 7.65
N LYS A 101 -25.41 29.65 6.83
CA LYS A 101 -24.55 29.42 5.68
C LYS A 101 -24.73 30.54 4.64
N LYS A 102 -25.97 30.97 4.48
CA LYS A 102 -26.29 32.04 3.57
C LYS A 102 -25.64 33.32 4.04
N PHE A 103 -25.72 33.60 5.34
CA PHE A 103 -25.13 34.80 5.92
C PHE A 103 -23.64 34.86 5.64
N ALA A 104 -22.96 33.75 5.90
CA ALA A 104 -21.50 33.68 5.78
C ALA A 104 -21.05 33.82 4.32
N LYS A 105 -21.90 33.35 3.41
CA LYS A 105 -21.56 33.36 1.99
C LYS A 105 -21.41 34.77 1.43
N PHE A 106 -21.99 35.75 2.12
CA PHE A 106 -21.92 37.14 1.68
C PHE A 106 -20.49 37.69 1.79
N ALA A 107 -19.64 36.99 2.54
CA ALA A 107 -18.25 37.39 2.69
C ALA A 107 -17.35 36.58 1.78
N LEU A 108 -17.94 35.66 1.01
CA LEU A 108 -17.17 34.72 0.21
C LEU A 108 -17.40 34.91 -1.29
N THR A 109 -17.52 36.16 -1.72
CA THR A 109 -17.73 36.47 -3.12
C THR A 109 -16.48 37.02 -3.79
N THR A 110 -16.52 37.06 -5.13
CA THR A 110 -15.38 37.51 -5.92
C THR A 110 -14.80 38.84 -5.44
N ASP A 111 -15.67 39.80 -5.15
CA ASP A 111 -15.24 41.14 -4.76
C ASP A 111 -14.43 41.10 -3.46
N SER A 112 -14.83 40.23 -2.55
CA SER A 112 -14.08 40.01 -1.32
C SER A 112 -12.76 39.30 -1.61
N PHE A 113 -12.83 38.26 -2.44
CA PHE A 113 -11.65 37.47 -2.77
C PHE A 113 -10.54 38.34 -3.35
N LYS A 114 -10.92 39.26 -4.22
CA LYS A 114 -9.95 40.14 -4.87
C LYS A 114 -9.15 40.92 -3.85
N ARG A 115 -9.80 41.26 -2.75
CA ARG A 115 -9.19 41.91 -1.61
C ARG A 115 -8.43 40.98 -0.70
N TYR A 116 -8.93 39.76 -0.50
CA TYR A 116 -8.31 38.77 0.37
C TYR A 116 -6.92 38.38 -0.11
N VAL A 117 -6.74 38.29 -1.42
CA VAL A 117 -5.52 37.72 -1.98
C VAL A 117 -4.26 38.42 -1.50
N PRO A 118 -4.20 39.76 -1.62
CA PRO A 118 -3.01 40.47 -1.17
C PRO A 118 -2.82 40.40 0.33
N LYS A 119 -3.92 40.39 1.08
CA LYS A 119 -3.87 40.25 2.54
C LYS A 119 -3.29 38.90 2.92
N ILE A 120 -3.74 37.87 2.21
CA ILE A 120 -3.29 36.50 2.47
C ILE A 120 -1.82 36.35 2.10
N ARG A 121 -1.41 37.01 1.03
CA ARG A 121 -0.01 36.97 0.62
C ARG A 121 0.87 37.72 1.63
N GLU A 122 0.42 38.90 2.04
CA GLU A 122 1.15 39.71 3.01
C GLU A 122 1.47 38.92 4.27
N GLU A 123 0.46 38.22 4.79
CA GLU A 123 0.64 37.41 5.99
C GLU A 123 1.69 36.33 5.76
N ILE A 124 1.59 35.63 4.63
CA ILE A 124 2.57 34.61 4.28
C ILE A 124 3.97 35.23 4.26
N LEU A 125 4.09 36.37 3.60
CA LEU A 125 5.37 37.06 3.48
C LEU A 125 5.92 37.43 4.85
N ASN A 126 5.04 37.91 5.73
CA ASN A 126 5.43 38.28 7.08
C ASN A 126 5.96 37.05 7.81
N TYR A 127 5.26 35.93 7.65
CA TYR A 127 5.67 34.67 8.26
C TYR A 127 7.05 34.25 7.77
N PHE A 128 7.26 34.36 6.46
CA PHE A 128 8.55 34.02 5.86
C PHE A 128 9.69 34.80 6.50
N VAL A 129 9.43 36.06 6.83
CA VAL A 129 10.48 36.94 7.35
C VAL A 129 10.73 36.73 8.85
N THR A 130 9.67 36.41 9.59
CA THR A 130 9.75 36.44 11.05
C THR A 130 9.86 35.06 11.70
N ASP A 131 9.24 34.05 11.09
CA ASP A 131 9.24 32.72 11.70
C ASP A 131 10.59 32.03 11.52
N GLU A 132 10.98 31.31 12.55
CA GLU A 132 12.26 30.59 12.63
C GLU A 132 12.42 29.52 11.56
N SER A 133 11.31 29.00 11.05
CA SER A 133 11.33 28.04 9.96
C SER A 133 11.93 28.69 8.70
N PHE A 134 11.63 29.96 8.48
CA PHE A 134 12.11 30.63 7.32
C PHE A 134 13.15 31.72 7.55
N LYS A 135 12.85 32.85 8.21
CA LYS A 135 13.82 33.91 8.46
C LYS A 135 14.56 34.30 7.19
N LEU A 136 13.83 34.56 6.13
CA LEU A 136 14.39 34.69 4.79
C LEU A 136 15.36 35.85 4.59
N LYS A 137 15.41 36.77 5.56
CA LYS A 137 16.36 37.87 5.48
C LYS A 137 17.73 37.45 5.98
N GLU A 138 17.74 36.44 6.85
CA GLU A 138 18.97 35.94 7.44
C GLU A 138 19.50 34.69 6.72
N LYS A 139 18.60 33.79 6.37
CA LYS A 139 19.00 32.45 5.93
C LYS A 139 18.88 32.25 4.42
N THR A 140 19.51 31.18 3.93
CA THR A 140 19.52 30.86 2.51
C THR A 140 18.96 29.47 2.28
N HIS A 141 19.16 28.59 3.25
CA HIS A 141 18.54 27.28 3.26
C HIS A 141 17.85 27.09 4.61
N GLY A 142 16.91 26.16 4.67
CA GLY A 142 16.19 25.92 5.91
C GLY A 142 15.32 24.68 5.91
N VAL A 143 14.72 24.41 7.06
CA VAL A 143 13.84 23.26 7.24
C VAL A 143 12.51 23.71 7.84
N ALA A 144 11.42 23.28 7.23
CA ALA A 144 10.09 23.67 7.69
C ALA A 144 9.24 22.46 8.09
N ASN A 145 8.88 22.42 9.35
CA ASN A 145 7.91 21.44 9.83
C ASN A 145 6.52 21.91 9.41
N VAL A 146 5.98 21.27 8.38
CA VAL A 146 4.73 21.75 7.78
C VAL A 146 3.52 21.56 8.70
N MET A 147 3.68 20.75 9.73
CA MET A 147 2.62 20.57 10.74
C MET A 147 2.67 21.71 11.76
N LYS A 148 3.69 22.55 11.65
CA LYS A 148 3.73 23.80 12.41
C LYS A 148 3.41 24.98 11.51
N THR A 149 4.10 25.08 10.38
CA THR A 149 3.98 26.25 9.51
C THR A 149 2.58 26.42 8.91
N GLN A 150 1.98 25.32 8.49
CA GLN A 150 0.71 25.41 7.75
C GLN A 150 -0.49 25.70 8.65
N PRO A 151 -0.52 25.09 9.86
CA PRO A 151 -1.59 25.47 10.77
C PRO A 151 -1.50 26.93 11.20
N GLU A 152 -0.28 27.44 11.29
CA GLU A 152 -0.06 28.80 11.74
C GLU A 152 -0.32 29.82 10.63
N ILE A 153 0.28 29.58 9.47
CA ILE A 153 0.03 30.42 8.30
C ILE A 153 -1.46 30.47 7.97
N THR A 154 -2.12 29.32 8.10
CA THR A 154 -3.53 29.22 7.75
C THR A 154 -4.41 30.03 8.69
N ILE A 155 -4.05 30.05 9.97
CA ILE A 155 -4.82 30.80 10.96
C ILE A 155 -4.55 32.30 10.84
N PHE A 156 -3.34 32.64 10.40
CA PHE A 156 -2.98 34.04 10.18
C PHE A 156 -3.68 34.59 8.94
N THR A 157 -3.60 33.84 7.84
CA THR A 157 -4.20 34.29 6.58
C THR A 157 -5.72 34.35 6.66
N ALA A 158 -6.32 33.31 7.24
CA ALA A 158 -7.77 33.25 7.35
C ALA A 158 -8.32 34.35 8.25
N SER A 159 -7.67 34.53 9.41
CA SER A 159 -8.07 35.57 10.36
C SER A 159 -7.95 36.95 9.72
N ARG A 160 -6.80 37.21 9.11
CA ARG A 160 -6.55 38.48 8.44
C ARG A 160 -7.62 38.74 7.38
N SER A 161 -7.88 37.72 6.57
CA SER A 161 -8.88 37.80 5.52
C SER A 161 -10.29 38.00 6.06
N LEU A 162 -10.76 37.01 6.83
CA LEU A 162 -12.16 36.95 7.21
C LEU A 162 -12.55 37.94 8.31
N PHE A 163 -11.60 38.24 9.20
CA PHE A 163 -11.88 39.07 10.35
C PHE A 163 -11.35 40.50 10.19
N GLY A 164 -10.32 40.66 9.37
CA GLY A 164 -9.77 41.98 9.10
C GLY A 164 -8.50 42.29 9.88
N ASP A 165 -8.03 43.52 9.75
CA ASP A 165 -6.72 43.89 10.27
C ASP A 165 -6.68 44.06 11.78
N GLU A 166 -7.77 44.61 12.33
CA GLU A 166 -7.87 44.83 13.76
C GLU A 166 -7.59 43.54 14.52
N MET A 167 -8.28 42.47 14.14
CA MET A 167 -8.11 41.18 14.79
C MET A 167 -6.66 40.74 14.61
N ARG A 168 -6.18 40.81 13.36
CA ARG A 168 -4.78 40.57 13.06
C ARG A 168 -3.87 41.34 14.01
N ARG A 169 -4.21 42.61 14.26
CA ARG A 169 -3.47 43.45 15.18
C ARG A 169 -3.37 42.84 16.58
N ILE A 170 -4.50 42.41 17.13
CA ILE A 170 -4.50 41.93 18.50
C ILE A 170 -4.04 40.50 18.67
N PHE A 171 -3.57 39.97 17.56
CA PHE A 171 -3.19 38.60 17.62
C PHE A 171 -1.81 38.47 18.17
N ASP A 172 -1.81 38.46 19.49
CA ASP A 172 -0.61 38.29 20.29
C ASP A 172 -0.49 36.89 20.82
N ARG A 173 0.53 36.64 21.63
CA ARG A 173 0.70 35.32 22.18
C ARG A 173 -0.44 34.85 23.10
N SER A 174 -1.12 35.74 23.78
CA SER A 174 -2.26 35.32 24.60
C SER A 174 -3.34 34.69 23.73
N PHE A 175 -3.68 35.29 22.60
CA PHE A 175 -4.71 34.66 21.79
C PHE A 175 -4.20 33.40 21.13
N ALA A 176 -2.89 33.33 20.94
CA ALA A 176 -2.25 32.13 20.41
C ALA A 176 -2.52 30.94 21.33
N GLN A 177 -2.38 31.15 22.61
CA GLN A 177 -2.63 30.08 23.55
C GLN A 177 -4.05 29.63 23.52
N LEU A 178 -4.96 30.57 23.46
CA LEU A 178 -6.37 30.24 23.42
C LEU A 178 -6.70 29.36 22.22
N TYR A 179 -6.28 29.78 21.03
CA TYR A 179 -6.55 29.05 19.81
C TYR A 179 -5.96 27.65 19.89
N SER A 180 -4.79 27.53 20.50
CA SER A 180 -4.15 26.23 20.69
C SER A 180 -4.97 25.40 21.68
N ASP A 181 -5.46 26.05 22.72
CA ASP A 181 -6.27 25.39 23.73
C ASP A 181 -7.60 24.93 23.14
N LEU A 182 -8.16 25.76 22.26
CA LEU A 182 -9.43 25.44 21.61
C LEU A 182 -9.21 24.39 20.53
N ASP A 183 -8.18 24.59 19.72
CA ASP A 183 -7.82 23.65 18.67
C ASP A 183 -7.63 22.24 19.25
N LYS A 184 -6.95 22.18 20.40
CA LYS A 184 -6.69 20.91 21.07
C LYS A 184 -7.99 20.24 21.51
N GLY A 185 -9.05 21.03 21.60
CA GLY A 185 -10.36 20.52 22.01
C GLY A 185 -11.21 20.09 20.83
N PHE A 186 -10.70 20.34 19.63
CA PHE A 186 -11.39 19.98 18.39
C PHE A 186 -10.88 18.62 17.92
N THR A 187 -11.48 17.57 18.47
CA THR A 187 -10.97 16.21 18.30
C THR A 187 -12.10 15.20 18.11
N PRO A 188 -11.82 14.13 17.35
CA PRO A 188 -12.80 13.05 17.23
C PRO A 188 -13.09 12.40 18.58
N ILE A 189 -12.30 12.74 19.58
CA ILE A 189 -12.49 12.24 20.94
C ILE A 189 -13.78 12.80 21.53
N ASN A 190 -14.25 13.92 20.98
CA ASN A 190 -15.47 14.56 21.45
C ASN A 190 -16.70 13.73 21.12
N PHE A 191 -16.61 12.93 20.06
CA PHE A 191 -17.68 11.98 19.74
C PHE A 191 -17.92 11.06 20.92
N VAL A 192 -16.83 10.65 21.58
CA VAL A 192 -16.87 9.78 22.74
C VAL A 192 -16.82 10.51 24.05
N PHE A 193 -15.98 11.50 24.11
CA PHE A 193 -15.81 12.26 25.34
C PHE A 193 -15.87 13.76 25.08
N PRO A 194 -17.08 14.34 25.09
CA PRO A 194 -17.29 15.75 24.82
C PRO A 194 -17.03 16.65 26.03
N ASN A 195 -17.22 16.11 27.24
CA ASN A 195 -16.98 16.88 28.46
C ASN A 195 -16.40 16.00 29.57
N LEU A 196 -15.21 16.37 30.04
CA LEU A 196 -14.57 15.70 31.16
C LEU A 196 -13.87 16.72 32.06
N PRO A 197 -13.66 16.37 33.33
CA PRO A 197 -13.11 17.34 34.28
C PRO A 197 -11.58 17.34 34.39
N LEU A 198 -10.91 16.81 33.37
CA LEU A 198 -9.46 16.95 33.28
C LEU A 198 -9.15 18.28 32.60
N PRO A 199 -7.96 18.83 32.87
CA PRO A 199 -7.74 20.22 32.48
C PRO A 199 -8.03 20.52 31.01
N HIS A 200 -7.70 19.60 30.12
CA HIS A 200 -7.75 19.87 28.69
C HIS A 200 -9.08 20.42 28.26
N TYR A 201 -10.14 19.86 28.80
CA TYR A 201 -11.45 20.39 28.56
C TYR A 201 -11.66 21.79 29.15
N TRP A 202 -11.22 22.00 30.39
CA TRP A 202 -11.32 23.28 31.07
C TRP A 202 -10.70 24.39 30.24
N ARG A 203 -9.51 24.13 29.70
CA ARG A 203 -8.83 25.10 28.85
C ARG A 203 -9.64 25.38 27.59
N ARG A 204 -10.32 24.34 27.11
CA ARG A 204 -11.08 24.44 25.87
C ARG A 204 -12.33 25.29 26.05
N ASP A 205 -13.12 24.96 27.07
CA ASP A 205 -14.32 25.73 27.40
C ASP A 205 -13.96 27.19 27.68
N ALA A 206 -12.84 27.38 28.38
CA ALA A 206 -12.39 28.71 28.76
C ALA A 206 -11.92 29.49 27.53
N ALA A 207 -11.32 28.79 26.59
CA ALA A 207 -10.86 29.41 25.34
C ALA A 207 -12.04 29.81 24.48
N GLN A 208 -13.09 28.98 24.49
CA GLN A 208 -14.29 29.24 23.72
C GLN A 208 -14.97 30.52 24.20
N LYS A 209 -15.12 30.65 25.51
CA LYS A 209 -15.71 31.84 26.11
C LYS A 209 -14.88 33.07 25.81
N LYS A 210 -13.56 32.93 25.94
CA LYS A 210 -12.64 34.07 25.84
C LYS A 210 -12.55 34.59 24.41
N ILE A 211 -12.43 33.68 23.46
CA ILE A 211 -12.31 34.06 22.05
C ILE A 211 -13.62 34.63 21.52
N SER A 212 -14.73 34.03 21.95
CA SER A 212 -16.05 34.49 21.53
C SER A 212 -16.34 35.88 22.11
N ALA A 213 -15.91 36.09 23.35
CA ALA A 213 -16.03 37.40 23.98
C ALA A 213 -15.21 38.43 23.21
N THR A 214 -14.00 38.05 22.84
CA THR A 214 -13.12 38.92 22.04
C THR A 214 -13.82 39.31 20.75
N TYR A 215 -14.33 38.32 20.04
CA TYR A 215 -15.07 38.56 18.79
C TYR A 215 -16.26 39.48 19.03
N MET A 216 -17.04 39.17 20.07
CA MET A 216 -18.21 39.97 20.42
C MET A 216 -17.83 41.44 20.54
N LYS A 217 -16.73 41.70 21.24
CA LYS A 217 -16.21 43.05 21.42
C LYS A 217 -15.91 43.70 20.08
N GLU A 218 -15.27 42.96 19.19
CA GLU A 218 -14.92 43.46 17.86
C GLU A 218 -16.19 43.68 17.03
N ILE A 219 -17.16 42.79 17.18
CA ILE A 219 -18.43 42.93 16.49
C ILE A 219 -19.10 44.24 16.88
N LYS A 220 -19.20 44.48 18.18
CA LYS A 220 -19.80 45.71 18.71
C LYS A 220 -18.99 46.94 18.33
N LEU A 221 -17.67 46.82 18.41
CA LEU A 221 -16.79 47.94 18.10
C LEU A 221 -16.94 48.36 16.65
N ARG A 222 -16.95 47.38 15.74
CA ARG A 222 -17.08 47.69 14.32
C ARG A 222 -18.48 48.21 14.01
N ARG A 223 -19.49 47.54 14.54
CA ARG A 223 -20.87 47.99 14.37
C ARG A 223 -20.93 49.50 14.59
N GLU A 224 -20.16 49.96 15.57
CA GLU A 224 -20.17 51.36 15.97
C GLU A 224 -19.33 52.25 15.05
N ARG A 225 -18.06 51.92 14.89
CA ARG A 225 -17.13 52.78 14.15
C ARG A 225 -16.47 52.27 12.88
N GLY A 226 -16.20 50.95 12.83
CA GLY A 226 -15.29 50.39 11.84
C GLY A 226 -15.58 50.46 10.35
N ASP A 227 -14.55 50.80 9.59
CA ASP A 227 -14.59 50.76 8.13
C ASP A 227 -13.17 50.87 7.57
N ILE A 228 -12.43 49.75 7.62
CA ILE A 228 -11.09 49.67 7.05
C ILE A 228 -11.17 49.93 5.55
N ASP A 229 -12.07 49.17 4.93
CA ASP A 229 -12.33 49.23 3.50
C ASP A 229 -13.69 48.58 3.26
N PRO A 230 -14.24 48.83 2.07
CA PRO A 230 -15.63 48.53 1.77
C PRO A 230 -16.00 47.04 1.64
N ASN A 231 -17.05 46.67 2.37
CA ASN A 231 -17.58 45.31 2.32
C ASN A 231 -16.44 44.31 2.45
N ARG A 232 -15.60 44.51 3.46
CA ARG A 232 -14.40 43.68 3.53
C ARG A 232 -14.59 42.20 3.83
N ASP A 233 -15.36 41.86 4.86
CA ASP A 233 -15.14 40.54 5.43
C ASP A 233 -16.34 39.92 6.16
N LEU A 234 -16.04 38.82 6.83
CA LEU A 234 -17.06 37.98 7.45
C LEU A 234 -17.77 38.68 8.60
N ILE A 235 -17.04 39.49 9.33
CA ILE A 235 -17.61 40.23 10.46
C ILE A 235 -18.56 41.30 9.96
N ASP A 236 -18.15 42.00 8.89
CA ASP A 236 -19.03 42.95 8.23
C ASP A 236 -20.32 42.25 7.80
N SER A 237 -20.15 41.08 7.20
CA SER A 237 -21.27 40.37 6.60
C SER A 237 -22.32 39.93 7.62
N LEU A 238 -21.85 39.50 8.78
CA LEU A 238 -22.74 38.99 9.82
C LEU A 238 -23.41 40.13 10.57
N LEU A 239 -22.76 41.29 10.59
CA LEU A 239 -23.37 42.50 11.15
C LEU A 239 -24.64 42.83 10.39
N ILE A 240 -24.54 42.80 9.07
CA ILE A 240 -25.67 43.05 8.20
C ILE A 240 -26.60 41.86 8.07
N HIS A 241 -26.02 40.70 7.79
CA HIS A 241 -26.81 39.50 7.58
C HIS A 241 -26.85 38.61 8.82
N SER A 242 -27.63 38.97 9.77
CA SER A 242 -27.89 38.28 11.06
C SER A 242 -29.41 38.01 11.34
N THR A 243 -30.30 38.24 10.42
CA THR A 243 -31.74 38.07 10.67
C THR A 243 -32.30 36.88 9.90
N TYR A 244 -32.95 36.00 10.63
CA TYR A 244 -33.59 34.81 10.05
C TYR A 244 -34.88 35.19 9.36
N LYS A 245 -35.40 34.27 8.56
CA LYS A 245 -36.59 34.55 7.74
C LYS A 245 -37.85 34.78 8.57
N ASP A 246 -37.86 34.31 9.82
CA ASP A 246 -38.99 34.51 10.69
C ASP A 246 -38.78 35.74 11.58
N GLY A 247 -37.74 36.50 11.26
CA GLY A 247 -37.49 37.79 11.92
C GLY A 247 -36.62 37.68 13.15
N VAL A 248 -36.41 36.46 13.62
CA VAL A 248 -35.52 36.22 14.74
C VAL A 248 -34.08 36.59 14.36
N LYS A 249 -33.41 37.27 15.27
CA LYS A 249 -32.06 37.76 15.01
C LYS A 249 -31.04 37.04 15.89
N MET A 250 -29.92 36.68 15.29
CA MET A 250 -28.82 36.07 16.05
C MET A 250 -28.33 37.05 17.10
N THR A 251 -28.01 36.52 18.27
CA THR A 251 -27.34 37.31 19.30
C THR A 251 -25.87 37.49 18.90
N ASP A 252 -25.22 38.48 19.50
CA ASP A 252 -23.81 38.76 19.21
C ASP A 252 -22.93 37.61 19.70
N GLN A 253 -23.39 36.88 20.70
CA GLN A 253 -22.69 35.70 21.18
C GLN A 253 -22.77 34.59 20.15
N GLU A 254 -23.97 34.44 19.56
CA GLU A 254 -24.20 33.44 18.53
C GLU A 254 -23.40 33.75 17.26
N ILE A 255 -23.38 35.01 16.87
CA ILE A 255 -22.57 35.46 15.73
C ILE A 255 -21.11 35.12 15.97
N ALA A 256 -20.62 35.48 17.15
CA ALA A 256 -19.25 35.19 17.54
C ALA A 256 -18.95 33.69 17.43
N ASN A 257 -19.88 32.88 17.91
CA ASN A 257 -19.72 31.43 17.90
C ASN A 257 -19.67 30.89 16.47
N LEU A 258 -20.47 31.50 15.59
CA LEU A 258 -20.47 31.13 14.17
C LEU A 258 -19.13 31.47 13.54
N LEU A 259 -18.54 32.58 13.96
CA LEU A 259 -17.22 33.00 13.49
C LEU A 259 -16.18 31.94 13.85
N ILE A 260 -16.32 31.38 15.05
CA ILE A 260 -15.39 30.35 15.53
C ILE A 260 -15.50 29.09 14.69
N GLY A 261 -16.74 28.69 14.42
CA GLY A 261 -17.00 27.53 13.56
C GLY A 261 -16.38 27.69 12.18
N ILE A 262 -16.63 28.84 11.56
CA ILE A 262 -16.17 29.09 10.20
C ILE A 262 -14.65 29.10 10.14
N LEU A 263 -14.03 29.82 11.07
CA LEU A 263 -12.58 29.90 11.14
C LEU A 263 -11.95 28.53 11.39
N MET A 264 -12.51 27.81 12.35
CA MET A 264 -11.92 26.55 12.79
C MET A 264 -12.00 25.51 11.67
N GLY A 265 -13.17 25.38 11.07
CA GLY A 265 -13.37 24.47 9.95
C GLY A 265 -12.45 24.81 8.79
N GLY A 266 -12.52 26.07 8.35
CA GLY A 266 -11.74 26.53 7.22
C GLY A 266 -10.24 26.37 7.41
N GLN A 267 -9.76 26.76 8.58
CA GLN A 267 -8.33 26.72 8.88
C GLN A 267 -7.80 25.29 8.93
N HIS A 268 -8.59 24.39 9.50
CA HIS A 268 -8.21 22.99 9.62
C HIS A 268 -8.12 22.32 8.26
N THR A 269 -9.21 22.36 7.51
CA THR A 269 -9.27 21.75 6.19
C THR A 269 -8.17 22.31 5.29
N SER A 270 -7.89 23.59 5.43
CA SER A 270 -6.91 24.28 4.59
C SER A 270 -5.49 23.95 5.06
N ALA A 271 -5.30 23.92 6.38
CA ALA A 271 -4.01 23.57 6.96
C ALA A 271 -3.54 22.21 6.43
N SER A 272 -4.42 21.22 6.51
CA SER A 272 -4.09 19.86 6.09
C SER A 272 -3.80 19.80 4.59
N THR A 273 -4.63 20.47 3.81
CA THR A 273 -4.51 20.44 2.36
C THR A 273 -3.19 21.05 1.89
N SER A 274 -2.80 22.16 2.51
CA SER A 274 -1.56 22.84 2.13
C SER A 274 -0.34 22.07 2.63
N ALA A 275 -0.50 21.42 3.78
CA ALA A 275 0.55 20.56 4.32
C ALA A 275 0.80 19.40 3.37
N TRP A 276 -0.28 18.84 2.83
CA TRP A 276 -0.19 17.69 1.94
C TRP A 276 0.42 18.05 0.58
N PHE A 277 0.08 19.21 0.03
CA PHE A 277 0.60 19.57 -1.30
C PHE A 277 2.00 20.18 -1.24
N LEU A 278 2.44 20.58 -0.05
CA LEU A 278 3.84 20.95 0.14
C LEU A 278 4.70 19.69 0.16
N LEU A 279 4.22 18.65 0.81
CA LEU A 279 4.94 17.38 0.91
C LEU A 279 5.00 16.67 -0.44
N HIS A 280 3.86 16.54 -1.10
CA HIS A 280 3.79 15.86 -2.39
C HIS A 280 4.63 16.60 -3.45
N LEU A 281 4.62 17.92 -3.38
CA LEU A 281 5.44 18.72 -4.27
C LEU A 281 6.93 18.54 -3.96
N GLY A 282 7.23 18.32 -2.69
CA GLY A 282 8.61 18.06 -2.27
C GLY A 282 9.11 16.76 -2.85
N GLU A 283 8.26 15.74 -2.81
CA GLU A 283 8.57 14.44 -3.39
C GLU A 283 8.79 14.54 -4.89
N LYS A 284 8.04 15.45 -5.53
CA LYS A 284 8.13 15.64 -6.96
C LYS A 284 8.42 17.10 -7.30
N PRO A 285 9.67 17.53 -7.06
CA PRO A 285 10.02 18.94 -7.20
C PRO A 285 9.82 19.54 -8.58
N HIS A 286 9.73 18.68 -9.59
CA HIS A 286 9.60 19.13 -10.97
C HIS A 286 8.20 19.71 -11.18
N LEU A 287 7.27 19.30 -10.33
CA LEU A 287 5.92 19.85 -10.35
C LEU A 287 5.95 21.30 -9.88
N GLN A 288 6.83 21.58 -8.91
CA GLN A 288 7.04 22.94 -8.43
C GLN A 288 7.51 23.84 -9.58
N ASP A 289 8.44 23.32 -10.37
CA ASP A 289 9.07 24.08 -11.45
C ASP A 289 8.06 24.41 -12.55
N VAL A 290 7.13 23.49 -12.77
CA VAL A 290 6.04 23.70 -13.71
C VAL A 290 5.20 24.89 -13.28
N ILE A 291 4.72 24.85 -12.04
CA ILE A 291 3.99 25.98 -11.46
C ILE A 291 4.80 27.26 -11.55
N TYR A 292 6.07 27.18 -11.18
CA TYR A 292 6.95 28.35 -11.16
C TYR A 292 7.01 28.99 -12.53
N GLN A 293 7.26 28.15 -13.53
CA GLN A 293 7.31 28.56 -14.93
C GLN A 293 6.03 29.30 -15.33
N GLU A 294 4.90 28.73 -14.95
CA GLU A 294 3.60 29.27 -15.31
C GLU A 294 3.35 30.62 -14.63
N VAL A 295 3.66 30.68 -13.34
CA VAL A 295 3.49 31.90 -12.56
C VAL A 295 4.41 33.02 -13.06
N VAL A 296 5.64 32.66 -13.40
CA VAL A 296 6.64 33.64 -13.81
C VAL A 296 6.36 34.19 -15.21
N GLU A 297 5.98 33.31 -16.13
CA GLU A 297 5.58 33.75 -17.47
C GLU A 297 4.39 34.69 -17.38
N LEU A 298 3.43 34.35 -16.53
CA LEU A 298 2.24 35.13 -16.37
C LEU A 298 2.57 36.52 -15.87
N LEU A 299 3.46 36.65 -14.93
CA LEU A 299 3.82 37.94 -14.36
C LEU A 299 4.71 38.75 -15.30
N LYS A 300 5.44 38.06 -16.15
CA LYS A 300 6.28 38.69 -17.16
C LYS A 300 5.37 39.37 -18.22
N GLU A 301 4.34 38.66 -18.68
CA GLU A 301 3.28 39.22 -19.52
C GLU A 301 2.80 40.55 -18.95
N LYS A 302 2.76 40.60 -17.63
CA LYS A 302 2.04 41.61 -16.88
C LYS A 302 2.94 42.79 -16.57
N GLY A 303 4.25 42.54 -16.67
CA GLY A 303 5.24 43.54 -16.31
C GLY A 303 5.35 43.72 -14.81
N GLY A 304 5.07 42.64 -14.07
CA GLY A 304 4.99 42.72 -12.62
C GLY A 304 5.76 41.67 -11.86
N ASP A 305 5.63 41.72 -10.54
CA ASP A 305 6.24 40.75 -9.64
C ASP A 305 5.16 40.11 -8.77
N LEU A 306 5.54 39.27 -7.82
CA LEU A 306 4.57 38.53 -7.03
C LEU A 306 3.53 39.45 -6.38
N ASN A 307 3.97 40.64 -5.98
CA ASN A 307 3.07 41.59 -5.34
C ASN A 307 1.97 42.04 -6.28
N ASP A 308 2.13 41.75 -7.56
CA ASP A 308 1.14 42.13 -8.57
C ASP A 308 0.16 41.01 -8.86
N LEU A 309 0.39 39.85 -8.27
CA LEU A 309 -0.40 38.67 -8.55
C LEU A 309 -1.79 38.79 -7.91
N THR A 310 -2.81 38.76 -8.75
CA THR A 310 -4.18 39.04 -8.30
C THR A 310 -5.04 37.79 -8.24
N TYR A 311 -6.25 37.95 -7.72
CA TYR A 311 -7.25 36.90 -7.76
C TYR A 311 -7.52 36.47 -9.20
N GLU A 312 -7.59 37.44 -10.10
CA GLU A 312 -7.82 37.16 -11.51
C GLU A 312 -6.69 36.30 -12.09
N ASP A 313 -5.47 36.57 -11.64
CA ASP A 313 -4.30 35.79 -12.07
C ASP A 313 -4.45 34.33 -11.66
N LEU A 314 -4.96 34.11 -10.45
CA LEU A 314 -5.19 32.75 -9.97
C LEU A 314 -6.11 32.00 -10.92
N GLN A 315 -6.92 32.74 -11.68
CA GLN A 315 -7.84 32.12 -12.64
C GLN A 315 -7.09 31.68 -13.90
N LYS A 316 -5.86 32.14 -14.06
CA LYS A 316 -5.09 31.84 -15.26
C LYS A 316 -4.00 30.79 -15.01
N LEU A 317 -4.04 30.20 -13.82
CA LEU A 317 -2.99 29.27 -13.41
C LEU A 317 -3.54 27.87 -13.15
N PRO A 318 -3.70 27.08 -14.21
CA PRO A 318 -4.28 25.75 -14.05
C PRO A 318 -3.37 24.79 -13.27
N SER A 319 -2.07 25.03 -13.34
CA SER A 319 -1.11 24.20 -12.61
C SER A 319 -1.35 24.31 -11.11
N VAL A 320 -1.61 25.52 -10.65
CA VAL A 320 -1.92 25.75 -9.24
C VAL A 320 -3.21 25.05 -8.84
N ASN A 321 -4.23 25.21 -9.67
CA ASN A 321 -5.57 24.71 -9.34
C ASN A 321 -5.71 23.21 -9.56
N ASN A 322 -4.89 22.67 -10.45
CA ASN A 322 -4.84 21.21 -10.65
C ASN A 322 -4.15 20.54 -9.46
N THR A 323 -3.14 21.22 -8.91
CA THR A 323 -2.40 20.69 -7.77
C THR A 323 -3.30 20.59 -6.54
N ILE A 324 -4.17 21.57 -6.37
CA ILE A 324 -5.10 21.57 -5.24
C ILE A 324 -6.16 20.50 -5.43
N LYS A 325 -6.69 20.38 -6.64
CA LYS A 325 -7.63 19.32 -6.96
C LYS A 325 -7.05 17.95 -6.59
N GLU A 326 -5.82 17.71 -7.03
CA GLU A 326 -5.17 16.41 -6.86
C GLU A 326 -4.90 16.12 -5.40
N THR A 327 -4.60 17.16 -4.64
CA THR A 327 -4.36 17.01 -3.20
C THR A 327 -5.66 16.66 -2.49
N LEU A 328 -6.76 17.23 -2.96
CA LEU A 328 -8.07 16.97 -2.36
C LEU A 328 -8.61 15.62 -2.83
N ARG A 329 -8.05 15.10 -3.92
CA ARG A 329 -8.39 13.75 -4.37
C ARG A 329 -7.70 12.75 -3.45
N MET A 330 -6.41 12.96 -3.23
CA MET A 330 -5.60 12.00 -2.48
C MET A 330 -5.76 12.16 -0.97
N HIS A 331 -6.10 13.35 -0.52
CA HIS A 331 -6.21 13.62 0.88
C HIS A 331 -7.44 14.44 1.26
N MET A 332 -8.63 13.85 1.09
CA MET A 332 -9.83 14.63 1.45
C MET A 332 -9.59 14.79 2.96
N PRO A 333 -9.92 16.00 3.45
CA PRO A 333 -9.70 16.22 4.88
C PRO A 333 -10.65 15.40 5.76
N LEU A 334 -11.87 15.23 5.29
CA LEU A 334 -12.84 14.36 5.95
C LEU A 334 -12.85 13.00 5.27
N HIS A 335 -12.50 11.96 6.01
CA HIS A 335 -12.54 10.61 5.44
C HIS A 335 -13.94 10.00 5.54
N SER A 336 -14.72 10.50 6.49
CA SER A 336 -16.08 9.99 6.70
C SER A 336 -17.06 11.12 6.99
N ILE A 337 -18.28 10.97 6.48
CA ILE A 337 -19.34 11.95 6.71
C ILE A 337 -20.58 11.22 7.22
N PHE A 338 -21.07 11.64 8.39
CA PHE A 338 -22.14 10.94 9.07
C PHE A 338 -23.48 11.67 9.04
N ARG A 339 -24.55 10.88 9.03
CA ARG A 339 -25.87 11.36 9.41
C ARG A 339 -26.50 10.32 10.31
N LYS A 340 -27.33 10.75 11.26
CA LYS A 340 -28.09 9.79 12.05
C LYS A 340 -29.41 9.49 11.34
N VAL A 341 -29.76 8.20 11.31
CA VAL A 341 -31.01 7.78 10.70
C VAL A 341 -32.16 7.99 11.66
N THR A 342 -33.12 8.83 11.27
CA THR A 342 -34.22 9.22 12.14
C THR A 342 -35.52 8.50 11.78
N ASN A 343 -35.56 7.95 10.57
CA ASN A 343 -36.68 7.12 10.13
C ASN A 343 -36.15 6.06 9.16
N PRO A 344 -36.72 4.84 9.24
CA PRO A 344 -36.24 3.74 8.41
C PRO A 344 -36.05 4.12 6.95
N LEU A 345 -34.82 4.00 6.48
CA LEU A 345 -34.48 4.29 5.08
C LEU A 345 -34.49 3.04 4.22
N ARG A 346 -35.14 3.10 3.09
CA ARG A 346 -35.08 2.04 2.16
C ARG A 346 -34.03 2.49 1.16
N ILE A 347 -33.05 1.63 0.90
CA ILE A 347 -31.98 1.91 -0.04
C ILE A 347 -32.41 1.51 -1.45
N PRO A 348 -32.70 2.49 -2.31
CA PRO A 348 -33.28 2.21 -3.61
C PRO A 348 -32.42 1.28 -4.47
N GLU A 349 -33.06 0.50 -5.32
CA GLU A 349 -32.38 -0.52 -6.12
C GLU A 349 -31.91 -1.67 -5.24
N THR A 350 -32.57 -1.85 -4.11
CA THR A 350 -32.24 -2.96 -3.21
C THR A 350 -33.44 -3.37 -2.36
N ASN A 351 -33.22 -4.41 -1.55
CA ASN A 351 -34.22 -4.85 -0.59
C ASN A 351 -33.82 -4.43 0.81
N TYR A 352 -32.71 -3.71 0.92
CA TYR A 352 -32.22 -3.27 2.22
C TYR A 352 -33.03 -2.15 2.85
N ILE A 353 -33.08 -2.18 4.15
CA ILE A 353 -33.73 -1.16 4.92
C ILE A 353 -32.77 -0.76 6.03
N VAL A 354 -32.56 0.51 6.18
CA VAL A 354 -31.70 1.01 7.25
C VAL A 354 -32.54 1.49 8.42
N PRO A 355 -32.45 0.77 9.55
CA PRO A 355 -33.31 1.03 10.71
C PRO A 355 -33.01 2.37 11.38
N LYS A 356 -34.05 2.95 11.96
CA LYS A 356 -33.91 4.14 12.79
C LYS A 356 -32.87 3.90 13.89
N GLY A 357 -31.99 4.88 14.09
CA GLY A 357 -30.98 4.78 15.15
C GLY A 357 -29.61 4.36 14.63
N HIS A 358 -29.60 3.79 13.43
CA HIS A 358 -28.35 3.59 12.71
C HIS A 358 -27.75 4.94 12.37
N TYR A 359 -26.47 4.93 12.01
CA TYR A 359 -25.83 6.10 11.39
C TYR A 359 -25.41 5.71 9.97
N VAL A 360 -25.78 6.53 8.99
CA VAL A 360 -25.34 6.30 7.63
C VAL A 360 -24.03 7.04 7.37
N LEU A 361 -23.11 6.36 6.70
CA LEU A 361 -21.77 6.86 6.50
C LEU A 361 -21.41 6.86 5.02
N VAL A 362 -21.03 8.04 4.53
CA VAL A 362 -20.65 8.18 3.14
C VAL A 362 -19.19 8.64 3.07
N SER A 363 -18.46 8.13 2.10
CA SER A 363 -17.04 8.42 1.99
C SER A 363 -16.54 8.64 0.57
N PRO A 364 -16.60 9.89 0.09
CA PRO A 364 -16.08 10.23 -1.24
C PRO A 364 -14.60 9.91 -1.35
N GLY A 365 -13.89 10.05 -0.24
CA GLY A 365 -12.46 9.77 -0.21
C GLY A 365 -12.14 8.35 -0.69
N TYR A 366 -12.99 7.41 -0.30
CA TYR A 366 -12.86 6.03 -0.77
C TYR A 366 -12.79 6.00 -2.29
N ALA A 367 -13.78 6.63 -2.93
CA ALA A 367 -13.86 6.66 -4.38
C ALA A 367 -12.69 7.44 -4.98
N HIS A 368 -12.34 8.55 -4.34
CA HIS A 368 -11.20 9.36 -4.75
C HIS A 368 -9.96 8.50 -4.95
N THR A 369 -9.77 7.57 -4.02
CA THR A 369 -8.52 6.81 -3.92
C THR A 369 -8.68 5.38 -4.42
N SER A 370 -9.82 5.10 -5.04
CA SER A 370 -10.11 3.76 -5.55
C SER A 370 -9.70 3.60 -7.00
N GLU A 371 -9.17 2.43 -7.33
CA GLU A 371 -8.80 2.09 -8.70
C GLU A 371 -10.04 2.00 -9.59
N ARG A 372 -11.19 1.83 -8.96
CA ARG A 372 -12.44 1.69 -9.69
C ARG A 372 -12.73 2.98 -10.48
N TYR A 373 -12.38 4.12 -9.88
CA TYR A 373 -12.67 5.42 -10.50
C TYR A 373 -11.46 6.20 -10.98
N PHE A 374 -10.32 6.05 -10.29
CA PHE A 374 -9.12 6.77 -10.73
C PHE A 374 -7.95 5.82 -10.99
N ASP A 375 -7.44 5.87 -12.22
CA ASP A 375 -6.25 5.11 -12.58
C ASP A 375 -5.06 5.52 -11.72
N ASN A 376 -4.34 4.53 -11.19
CA ASN A 376 -3.12 4.80 -10.44
C ASN A 376 -3.43 5.81 -9.34
N PRO A 377 -4.38 5.47 -8.46
CA PRO A 377 -4.91 6.41 -7.46
C PRO A 377 -3.87 6.95 -6.49
N GLU A 378 -2.82 6.17 -6.22
CA GLU A 378 -1.82 6.56 -5.23
C GLU A 378 -0.67 7.34 -5.83
N ASP A 379 -0.74 7.60 -7.14
CA ASP A 379 0.21 8.50 -7.78
C ASP A 379 -0.33 9.93 -7.78
N PHE A 380 0.44 10.84 -7.19
CA PHE A 380 0.09 12.24 -7.16
C PHE A 380 0.44 12.90 -8.49
N ASP A 381 -0.58 13.06 -9.33
CA ASP A 381 -0.37 13.63 -10.66
C ASP A 381 -1.42 14.69 -10.98
N PRO A 382 -1.03 15.97 -10.87
CA PRO A 382 -1.97 17.07 -11.11
C PRO A 382 -2.41 17.16 -12.56
N THR A 383 -1.67 16.54 -13.47
CA THR A 383 -1.96 16.66 -14.91
C THR A 383 -3.17 15.82 -15.32
N ARG A 384 -3.61 14.93 -14.43
CA ARG A 384 -4.76 14.09 -14.73
C ARG A 384 -6.04 14.92 -14.84
N TRP A 385 -5.96 16.15 -14.35
CA TRP A 385 -7.12 17.05 -14.34
C TRP A 385 -7.24 17.84 -15.64
N ASP A 386 -6.34 17.56 -16.57
CA ASP A 386 -6.45 18.12 -17.91
C ASP A 386 -7.04 17.07 -18.86
N THR A 387 -7.32 15.89 -18.32
CA THR A 387 -7.85 14.80 -19.13
C THR A 387 -9.38 14.74 -19.07
N ALA A 388 -9.97 14.00 -19.99
CA ALA A 388 -11.42 13.83 -20.05
C ALA A 388 -11.90 12.90 -18.93
N ALA A 389 -11.18 11.80 -18.74
CA ALA A 389 -11.56 10.81 -17.73
C ALA A 389 -11.72 11.45 -16.35
N ALA A 390 -10.76 12.27 -15.97
CA ALA A 390 -10.80 12.94 -14.67
C ALA A 390 -11.96 13.92 -14.61
N LYS A 391 -12.08 14.74 -15.65
CA LYS A 391 -13.17 15.70 -15.76
C LYS A 391 -14.52 15.00 -15.64
N ALA A 392 -14.63 13.85 -16.30
CA ALA A 392 -15.85 13.06 -16.25
C ALA A 392 -16.16 12.61 -14.83
N ASN A 393 -15.11 12.46 -14.02
CA ASN A 393 -15.26 11.99 -12.65
C ASN A 393 -15.73 13.10 -11.71
N SER A 394 -15.81 14.31 -12.25
CA SER A 394 -16.11 15.49 -11.44
C SER A 394 -17.53 15.99 -11.64
N VAL A 395 -18.26 15.34 -12.55
CA VAL A 395 -19.64 15.71 -12.87
C VAL A 395 -20.61 14.60 -12.58
N SER A 396 -21.81 14.98 -12.21
CA SER A 396 -22.79 14.01 -11.75
C SER A 396 -23.72 13.61 -12.89
N PHE A 397 -23.70 12.33 -13.22
CA PHE A 397 -24.39 11.85 -14.41
C PHE A 397 -25.90 12.08 -14.38
N ASN A 398 -26.49 11.90 -13.19
CA ASN A 398 -27.96 11.88 -13.12
C ASN A 398 -28.52 13.30 -13.25
N SER A 399 -28.25 14.20 -12.32
CA SER A 399 -28.89 15.50 -12.44
C SER A 399 -28.07 16.75 -12.62
N SER A 400 -28.41 17.51 -13.65
CA SER A 400 -27.74 18.76 -13.90
C SER A 400 -28.63 19.88 -13.42
N ASP A 401 -29.78 19.52 -12.87
CA ASP A 401 -30.65 20.52 -12.28
C ASP A 401 -30.08 20.94 -10.92
N GLU A 402 -30.49 22.12 -10.47
CA GLU A 402 -29.95 22.70 -9.24
C GLU A 402 -31.07 23.01 -8.26
N VAL A 403 -30.77 22.92 -6.97
CA VAL A 403 -31.74 23.21 -5.93
C VAL A 403 -31.18 24.22 -4.94
N ASP A 404 -32.08 24.92 -4.26
CA ASP A 404 -31.70 25.88 -3.23
C ASP A 404 -32.26 25.43 -1.88
N TYR A 405 -31.36 25.06 -0.97
CA TYR A 405 -31.76 24.61 0.35
C TYR A 405 -31.86 25.79 1.32
N GLY A 406 -31.47 26.96 0.83
CA GLY A 406 -31.50 28.19 1.62
C GLY A 406 -30.23 29.02 1.61
N PHE A 407 -29.14 28.47 1.08
CA PHE A 407 -27.89 29.21 0.98
C PHE A 407 -27.42 29.37 -0.46
N GLY A 408 -28.34 29.16 -1.39
CA GLY A 408 -28.02 29.33 -2.81
C GLY A 408 -28.11 28.01 -3.57
N LYS A 409 -28.14 28.11 -4.89
CA LYS A 409 -28.34 26.92 -5.73
C LYS A 409 -27.11 26.02 -5.74
N VAL A 410 -27.35 24.73 -5.49
CA VAL A 410 -26.30 23.73 -5.57
C VAL A 410 -26.78 22.59 -6.47
N SER A 411 -25.90 21.69 -6.79
CA SER A 411 -26.32 20.63 -7.60
C SER A 411 -27.23 19.64 -6.94
N LYS A 412 -28.25 19.28 -7.68
CA LYS A 412 -29.16 18.24 -7.25
C LYS A 412 -28.45 16.89 -7.39
N GLY A 413 -27.49 16.86 -8.32
CA GLY A 413 -26.73 15.64 -8.60
C GLY A 413 -25.41 15.59 -7.85
N VAL A 414 -25.20 14.49 -7.14
CA VAL A 414 -24.01 14.31 -6.31
C VAL A 414 -23.34 12.98 -6.59
N SER A 415 -23.69 12.38 -7.71
CA SER A 415 -23.24 11.06 -8.04
C SER A 415 -21.86 11.02 -8.63
N SER A 416 -21.11 12.05 -8.42
CA SER A 416 -19.72 12.12 -8.87
C SER A 416 -18.82 11.37 -7.90
N PRO A 417 -17.88 10.57 -8.43
CA PRO A 417 -16.92 9.90 -7.56
C PRO A 417 -16.09 10.91 -6.77
N TYR A 418 -15.77 12.04 -7.41
CA TYR A 418 -14.97 13.08 -6.79
C TYR A 418 -15.87 14.15 -6.17
N LEU A 419 -16.01 14.12 -4.86
CA LEU A 419 -16.80 15.09 -4.13
C LEU A 419 -16.08 15.59 -2.87
N PRO A 420 -14.97 16.28 -3.02
CA PRO A 420 -14.21 16.71 -1.87
C PRO A 420 -14.95 17.70 -0.97
N PHE A 421 -15.93 18.40 -1.52
CA PHE A 421 -16.66 19.41 -0.76
C PHE A 421 -18.08 18.95 -0.42
N GLY A 422 -18.29 17.65 -0.50
CA GLY A 422 -19.58 17.05 -0.16
C GLY A 422 -20.65 17.41 -1.17
N GLY A 423 -21.91 17.34 -0.74
CA GLY A 423 -23.03 17.64 -1.63
C GLY A 423 -24.34 17.82 -0.90
N GLY A 424 -25.29 18.45 -1.60
CA GLY A 424 -26.63 18.64 -1.08
C GLY A 424 -26.69 19.63 0.08
N ARG A 425 -27.76 19.48 0.86
CA ARG A 425 -28.03 20.29 2.04
C ARG A 425 -26.81 20.77 2.81
N HIS A 426 -25.91 19.85 3.14
CA HIS A 426 -24.78 20.17 4.03
C HIS A 426 -23.49 20.44 3.29
N ARG A 427 -23.60 20.77 2.02
CA ARG A 427 -22.45 21.06 1.17
C ARG A 427 -21.60 22.19 1.74
N CYS A 428 -20.30 22.12 1.46
CA CYS A 428 -19.37 23.19 1.85
C CYS A 428 -19.73 24.51 1.18
N ILE A 429 -19.52 25.61 1.90
CA ILE A 429 -19.67 26.94 1.33
C ILE A 429 -18.31 27.62 1.19
N GLY A 430 -17.26 26.90 1.56
CA GLY A 430 -15.92 27.49 1.64
C GLY A 430 -15.02 27.11 0.49
N GLU A 431 -15.60 26.45 -0.51
CA GLU A 431 -14.80 25.88 -1.60
C GLU A 431 -13.99 26.92 -2.36
N GLN A 432 -14.63 27.99 -2.78
CA GLN A 432 -13.96 29.03 -3.57
C GLN A 432 -12.95 29.77 -2.71
N PHE A 433 -13.29 30.00 -1.44
CA PHE A 433 -12.38 30.66 -0.51
C PHE A 433 -11.15 29.80 -0.28
N ALA A 434 -11.38 28.50 -0.10
CA ALA A 434 -10.30 27.55 0.09
C ALA A 434 -9.33 27.62 -1.09
N TYR A 435 -9.88 27.62 -2.31
CA TYR A 435 -9.07 27.71 -3.52
C TYR A 435 -8.30 29.03 -3.58
N VAL A 436 -8.91 30.11 -3.10
CA VAL A 436 -8.24 31.41 -3.09
C VAL A 436 -7.09 31.42 -2.09
N GLN A 437 -7.35 30.86 -0.91
CA GLN A 437 -6.37 30.80 0.16
C GLN A 437 -5.22 29.86 -0.17
N LEU A 438 -5.58 28.66 -0.64
CA LEU A 438 -4.58 27.65 -0.98
C LEU A 438 -3.77 28.07 -2.21
N GLY A 439 -4.46 28.67 -3.17
CA GLY A 439 -3.81 29.14 -4.40
C GLY A 439 -2.79 30.23 -4.12
N THR A 440 -3.14 31.14 -3.22
CA THR A 440 -2.25 32.23 -2.84
C THR A 440 -1.06 31.69 -2.05
N ILE A 441 -1.35 30.76 -1.13
CA ILE A 441 -0.30 30.09 -0.39
C ILE A 441 0.66 29.38 -1.32
N LEU A 442 0.10 28.63 -2.28
CA LEU A 442 0.92 27.81 -3.18
C LEU A 442 1.79 28.66 -4.10
N THR A 443 1.24 29.76 -4.61
CA THR A 443 1.98 30.64 -5.51
C THR A 443 3.06 31.40 -4.75
N THR A 444 2.77 31.78 -3.52
CA THR A 444 3.71 32.55 -2.71
C THR A 444 4.89 31.68 -2.30
N PHE A 445 4.62 30.42 -1.99
CA PHE A 445 5.68 29.46 -1.70
C PHE A 445 6.57 29.22 -2.92
N VAL A 446 5.94 28.86 -4.04
CA VAL A 446 6.66 28.45 -5.24
C VAL A 446 7.49 29.58 -5.84
N TYR A 447 7.01 30.81 -5.69
CA TYR A 447 7.68 31.96 -6.28
C TYR A 447 8.95 32.33 -5.52
N ASN A 448 8.93 32.09 -4.22
CA ASN A 448 10.05 32.48 -3.35
C ASN A 448 11.00 31.31 -3.08
N LEU A 449 10.45 30.11 -3.04
CA LEU A 449 11.22 28.95 -2.58
C LEU A 449 11.10 27.73 -3.49
N ARG A 450 12.08 26.85 -3.35
CA ARG A 450 12.00 25.50 -3.89
C ARG A 450 12.40 24.55 -2.76
N TRP A 451 11.67 23.44 -2.63
CA TRP A 451 11.92 22.53 -1.52
C TRP A 451 11.89 21.07 -1.94
N THR A 452 12.48 20.23 -1.09
CA THR A 452 12.46 18.79 -1.27
C THR A 452 12.12 18.13 0.06
N ILE A 453 11.89 16.82 0.05
CA ILE A 453 11.72 16.06 1.28
C ILE A 453 12.89 15.11 1.44
N ASP A 454 13.16 14.73 2.68
CA ASP A 454 14.32 13.89 2.99
C ASP A 454 14.15 12.48 2.43
N GLY A 455 12.91 11.98 2.49
CA GLY A 455 12.62 10.62 2.05
C GLY A 455 12.31 10.55 0.56
N TYR A 456 11.96 9.35 0.12
CA TYR A 456 11.52 9.14 -1.26
C TYR A 456 10.00 9.06 -1.31
N LYS A 457 9.38 9.25 -0.16
CA LYS A 457 7.93 9.07 -0.02
C LYS A 457 7.30 10.05 0.94
N VAL A 458 6.11 10.52 0.58
CA VAL A 458 5.27 11.32 1.47
C VAL A 458 4.87 10.49 2.69
N PRO A 459 4.69 11.15 3.85
CA PRO A 459 4.32 10.41 5.04
C PRO A 459 2.94 9.74 4.91
N ASP A 460 2.74 8.66 5.67
CA ASP A 460 1.43 8.04 5.77
C ASP A 460 0.46 9.01 6.44
N PRO A 461 -0.81 8.99 6.02
CA PRO A 461 -1.79 9.86 6.65
C PRO A 461 -2.19 9.36 8.04
N ASP A 462 -2.60 10.26 8.91
CA ASP A 462 -3.07 9.95 10.26
C ASP A 462 -4.58 10.18 10.20
N TYR A 463 -5.34 9.16 10.52
CA TYR A 463 -6.80 9.23 10.40
C TYR A 463 -7.50 9.39 11.75
N SER A 464 -6.73 9.74 12.77
CA SER A 464 -7.27 9.87 14.11
C SER A 464 -7.65 11.31 14.43
N SER A 465 -7.20 12.22 13.56
CA SER A 465 -7.42 13.65 13.76
C SER A 465 -8.77 14.11 13.21
N MET A 466 -9.09 15.37 13.41
CA MET A 466 -10.31 15.96 12.86
C MET A 466 -10.23 15.97 11.34
N VAL A 467 -9.04 16.28 10.83
CA VAL A 467 -8.76 16.15 9.41
C VAL A 467 -7.61 15.17 9.20
N VAL A 468 -7.52 14.62 7.99
CA VAL A 468 -6.48 13.64 7.67
C VAL A 468 -5.14 14.32 7.52
N LEU A 469 -4.31 14.26 8.56
CA LEU A 469 -3.03 14.95 8.57
C LEU A 469 -1.86 14.01 8.30
N PRO A 470 -0.74 14.56 7.86
CA PRO A 470 0.46 13.79 7.65
C PRO A 470 1.01 13.26 8.98
N THR A 471 1.57 12.05 8.96
CA THR A 471 2.17 11.43 10.13
C THR A 471 3.34 12.23 10.56
N GLU A 472 3.47 12.23 11.86
CA GLU A 472 4.23 13.24 12.59
C GLU A 472 5.53 13.81 12.09
N PRO A 473 6.38 13.05 11.45
CA PRO A 473 7.63 13.69 11.07
C PRO A 473 7.30 14.24 9.70
N ALA A 474 7.10 15.54 9.54
CA ALA A 474 6.74 16.03 8.24
C ALA A 474 7.35 17.35 7.90
N GLU A 475 8.49 17.32 7.25
CA GLU A 475 9.17 18.54 6.93
C GLU A 475 9.65 18.67 5.53
N ILE A 476 9.76 19.89 5.08
CA ILE A 476 10.34 20.17 3.77
C ILE A 476 11.63 20.96 3.97
N ILE A 477 12.59 20.72 3.08
CA ILE A 477 13.88 21.38 3.14
C ILE A 477 14.00 22.34 1.95
N TRP A 478 14.08 23.63 2.26
CA TRP A 478 13.86 24.66 1.25
C TRP A 478 15.12 25.44 0.86
N GLU A 479 15.13 25.89 -0.39
CA GLU A 479 16.12 26.85 -0.85
C GLU A 479 15.39 28.02 -1.50
N LYS A 480 16.14 29.10 -1.75
CA LYS A 480 15.55 30.28 -2.36
C LYS A 480 15.57 30.22 -3.87
N ARG A 481 14.53 30.81 -4.49
CA ARG A 481 14.41 30.90 -5.95
C ARG A 481 14.93 32.29 -6.33
N GLU A 482 15.58 32.40 -7.49
CA GLU A 482 16.24 33.63 -7.90
C GLU A 482 15.32 34.82 -7.68
N THR A 483 14.02 34.55 -7.66
CA THR A 483 13.01 35.61 -7.52
C THR A 483 12.61 35.86 -6.08
N CYS A 484 13.21 35.11 -5.15
CA CYS A 484 12.91 35.31 -3.73
C CYS A 484 12.95 36.80 -3.42
N MET A 485 11.88 37.27 -2.77
CA MET A 485 11.69 38.70 -2.56
C MET A 485 12.57 39.24 -1.43
N PHE A 486 13.01 38.35 -0.55
CA PHE A 486 13.90 38.73 0.54
C PHE A 486 15.27 38.09 0.38
N LYS B 3 3.66 -12.04 30.40
CA LYS B 3 5.15 -11.92 30.52
C LYS B 3 5.85 -13.19 30.07
N LYS B 4 5.18 -14.33 30.18
CA LYS B 4 5.80 -15.62 29.90
C LYS B 4 5.60 -16.08 28.46
N THR B 5 4.34 -16.25 28.05
CA THR B 5 4.04 -16.59 26.67
C THR B 5 3.87 -15.31 25.87
N PRO B 6 4.33 -15.30 24.61
CA PRO B 6 4.19 -14.10 23.80
C PRO B 6 2.72 -13.69 23.67
N PRO B 7 2.46 -12.38 23.52
CA PRO B 7 1.08 -11.92 23.41
C PRO B 7 0.35 -12.58 22.24
N LEU B 8 -0.87 -13.04 22.51
CA LEU B 8 -1.72 -13.66 21.51
C LEU B 8 -2.68 -12.59 20.98
N VAL B 9 -2.29 -12.04 19.87
CA VAL B 9 -2.96 -10.92 19.31
C VAL B 9 -4.14 -11.05 18.39
N PHE B 10 -4.12 -11.98 17.45
CA PHE B 10 -5.21 -12.09 16.52
C PHE B 10 -5.73 -13.54 16.30
N TYR B 11 -7.03 -13.61 16.06
CA TYR B 11 -7.83 -14.81 15.73
C TYR B 11 -9.17 -14.32 15.15
N TRP B 12 -9.28 -13.80 13.90
CA TRP B 12 -10.62 -13.21 13.54
C TRP B 12 -11.98 -13.95 13.23
N ILE B 13 -12.07 -14.92 12.31
CA ILE B 13 -13.24 -15.82 12.31
C ILE B 13 -12.85 -17.28 12.61
N PRO B 14 -13.49 -17.83 13.66
CA PRO B 14 -13.21 -19.08 14.38
C PRO B 14 -12.68 -20.24 13.53
N TRP B 15 -11.61 -20.83 14.04
CA TRP B 15 -10.94 -21.95 13.38
C TRP B 15 -10.46 -21.55 12.00
N PHE B 16 -10.67 -20.28 11.66
CA PHE B 16 -10.13 -19.70 10.44
C PHE B 16 -8.84 -18.97 10.78
N GLY B 17 -8.82 -18.52 12.03
CA GLY B 17 -7.69 -17.77 12.57
C GLY B 17 -7.62 -16.43 11.87
N SER B 18 -6.46 -15.80 11.96
CA SER B 18 -6.22 -14.56 11.25
C SER B 18 -5.66 -14.91 9.88
N ALA B 19 -6.45 -15.62 9.09
CA ALA B 19 -6.05 -15.98 7.74
C ALA B 19 -6.72 -14.92 6.89
N ALA B 20 -7.67 -14.23 7.49
CA ALA B 20 -8.39 -13.22 6.75
C ALA B 20 -7.45 -12.16 6.27
N SER B 21 -6.55 -11.69 7.14
CA SER B 21 -5.55 -10.67 6.80
C SER B 21 -4.17 -11.28 6.59
N TYR B 22 -3.80 -12.23 7.44
CA TYR B 22 -2.55 -12.95 7.30
C TYR B 22 -2.52 -13.69 5.97
N GLY B 23 -3.67 -14.24 5.59
CA GLY B 23 -3.80 -14.92 4.31
C GLY B 23 -3.89 -13.93 3.14
N GLN B 24 -4.54 -12.80 3.41
CA GLN B 24 -4.62 -11.74 2.42
C GLN B 24 -3.35 -11.01 2.13
N GLN B 25 -2.61 -10.59 3.15
CA GLN B 25 -1.34 -9.88 2.94
C GLN B 25 -0.48 -10.01 4.19
N PRO B 26 0.44 -10.95 4.17
CA PRO B 26 1.14 -11.30 5.40
C PRO B 26 1.91 -10.15 6.08
N TYR B 27 2.56 -9.32 5.27
CA TYR B 27 3.59 -8.38 5.76
C TYR B 27 3.07 -7.09 6.39
N GLU B 28 2.02 -6.53 5.80
CA GLU B 28 1.39 -5.34 6.38
C GLU B 28 0.77 -5.69 7.72
N PHE B 29 0.32 -6.94 7.83
CA PHE B 29 -0.24 -7.47 9.06
C PHE B 29 0.84 -7.58 10.14
N PHE B 30 1.96 -8.19 9.77
CA PHE B 30 3.08 -8.37 10.70
C PHE B 30 3.59 -7.02 11.21
N GLU B 31 3.69 -6.07 10.30
CA GLU B 31 4.21 -4.73 10.63
C GLU B 31 3.32 -4.03 11.65
N SER B 32 2.01 -4.12 11.44
CA SER B 32 1.04 -3.55 12.37
C SER B 32 1.21 -4.17 13.75
N CYS B 33 1.12 -5.50 13.79
CA CYS B 33 1.32 -6.24 15.04
C CYS B 33 2.58 -5.77 15.74
N ARG B 34 3.67 -5.65 14.99
CA ARG B 34 4.97 -5.30 15.57
C ARG B 34 4.92 -3.94 16.26
N GLN B 35 4.25 -2.99 15.64
CA GLN B 35 4.17 -1.64 16.18
C GLN B 35 3.33 -1.60 17.46
N LYS B 36 2.54 -2.64 17.66
CA LYS B 36 1.70 -2.75 18.86
C LYS B 36 2.33 -3.70 19.88
N TYR B 37 2.96 -4.76 19.42
CA TYR B 37 3.47 -5.74 20.39
C TYR B 37 4.97 -6.01 20.35
N GLY B 38 5.64 -5.53 19.31
CA GLY B 38 7.07 -5.77 19.18
C GLY B 38 7.36 -6.96 18.27
N ASP B 39 8.53 -7.56 18.46
CA ASP B 39 9.04 -8.56 17.52
C ASP B 39 8.38 -9.92 17.65
N VAL B 40 8.00 -10.29 18.88
CA VAL B 40 7.44 -11.61 19.14
C VAL B 40 5.98 -11.55 19.53
N PHE B 41 5.14 -12.24 18.76
CA PHE B 41 3.72 -12.35 19.06
C PHE B 41 3.14 -13.62 18.45
N SER B 42 1.97 -14.01 18.95
CA SER B 42 1.28 -15.18 18.42
C SER B 42 -0.08 -14.79 17.83
N PHE B 43 -0.51 -15.58 16.85
CA PHE B 43 -1.86 -15.46 16.32
C PHE B 43 -2.42 -16.84 16.02
N MET B 44 -3.71 -16.99 16.15
CA MET B 44 -4.35 -18.24 15.86
C MET B 44 -4.65 -18.38 14.39
N LEU B 45 -4.40 -19.55 13.86
CA LEU B 45 -4.73 -19.88 12.51
C LEU B 45 -5.52 -21.14 12.74
N LEU B 46 -6.82 -20.97 12.78
CA LEU B 46 -7.73 -22.05 13.08
C LEU B 46 -7.33 -22.60 14.46
N GLY B 47 -7.14 -23.89 14.56
CA GLY B 47 -6.70 -24.47 15.77
C GLY B 47 -5.21 -24.36 15.94
N LYS B 48 -4.48 -23.80 14.98
CA LYS B 48 -3.02 -23.75 15.17
C LYS B 48 -2.59 -22.43 15.80
N ILE B 49 -1.67 -22.53 16.76
CA ILE B 49 -1.08 -21.35 17.36
C ILE B 49 0.25 -21.03 16.68
N MET B 50 0.28 -19.89 15.99
CA MET B 50 1.48 -19.46 15.29
C MET B 50 2.21 -18.38 16.09
N THR B 51 3.47 -18.64 16.40
CA THR B 51 4.29 -17.67 17.12
C THR B 51 5.36 -17.09 16.19
N VAL B 52 5.23 -15.79 15.91
CA VAL B 52 6.10 -15.14 14.94
C VAL B 52 7.26 -14.40 15.61
N TYR B 53 8.44 -14.49 15.00
CA TYR B 53 9.59 -13.69 15.43
C TYR B 53 10.14 -12.91 14.24
N LEU B 54 9.77 -11.64 14.18
CA LEU B 54 10.14 -10.76 13.07
C LEU B 54 11.60 -10.33 13.06
N GLY B 55 12.13 -10.10 11.86
CA GLY B 55 13.48 -9.58 11.72
C GLY B 55 14.62 -10.56 11.87
N PRO B 56 15.85 -10.04 11.78
CA PRO B 56 17.08 -10.84 11.81
C PRO B 56 17.22 -11.71 13.05
N LYS B 57 16.79 -11.22 14.20
CA LYS B 57 16.85 -12.01 15.42
C LYS B 57 15.87 -13.17 15.32
N GLY B 58 14.78 -12.94 14.60
CA GLY B 58 13.81 -13.99 14.30
C GLY B 58 14.44 -15.08 13.45
N HIS B 59 15.23 -14.68 12.46
CA HIS B 59 15.89 -15.63 11.58
C HIS B 59 16.81 -16.55 12.38
N GLU B 60 17.62 -15.95 13.26
CA GLU B 60 18.50 -16.70 14.14
C GLU B 60 17.72 -17.70 14.99
N PHE B 61 16.65 -17.21 15.61
CA PHE B 61 15.88 -18.03 16.55
C PHE B 61 15.33 -19.29 15.91
N VAL B 62 14.71 -19.14 14.75
CA VAL B 62 14.01 -20.26 14.11
C VAL B 62 14.91 -21.11 13.24
N PHE B 63 15.73 -20.47 12.41
CA PHE B 63 16.57 -21.20 11.46
C PHE B 63 17.66 -22.02 12.15
N ASN B 64 18.14 -21.53 13.29
CA ASN B 64 19.21 -22.19 14.02
C ASN B 64 18.70 -22.87 15.28
N ALA B 65 17.40 -23.09 15.35
CA ALA B 65 16.81 -23.83 16.46
C ALA B 65 17.31 -25.27 16.41
N LYS B 66 17.52 -25.85 17.59
CA LYS B 66 18.08 -27.19 17.69
C LYS B 66 17.09 -28.26 17.25
N LEU B 67 17.62 -29.36 16.73
CA LEU B 67 16.80 -30.51 16.36
C LEU B 67 15.81 -30.88 17.46
N SER B 68 16.29 -30.81 18.70
CA SER B 68 15.53 -31.28 19.84
C SER B 68 14.39 -30.35 20.21
N ASP B 69 14.34 -29.19 19.56
CA ASP B 69 13.44 -28.12 19.98
C ASP B 69 12.32 -27.87 18.98
N VAL B 70 12.65 -27.89 17.69
CA VAL B 70 11.65 -27.68 16.66
C VAL B 70 11.74 -28.75 15.58
N SER B 71 10.62 -28.98 14.92
CA SER B 71 10.55 -29.96 13.82
C SER B 71 9.93 -29.34 12.58
N ALA B 72 10.66 -29.39 11.47
CA ALA B 72 10.13 -28.91 10.20
C ALA B 72 9.14 -29.91 9.63
N GLU B 73 9.43 -31.19 9.80
CA GLU B 73 8.63 -32.24 9.18
C GLU B 73 7.27 -32.40 9.85
N GLU B 74 7.20 -32.09 11.14
CA GLU B 74 5.92 -32.10 11.85
C GLU B 74 5.04 -30.96 11.36
N ALA B 75 5.65 -29.95 10.76
CA ALA B 75 4.90 -28.80 10.26
C ALA B 75 4.52 -28.93 8.80
N TYR B 76 5.33 -29.64 8.03
CA TYR B 76 5.22 -29.62 6.58
C TYR B 76 4.66 -30.90 5.97
N LYS B 77 4.63 -31.99 6.72
CA LYS B 77 4.41 -33.25 6.02
C LYS B 77 3.07 -33.43 5.33
N HIS B 78 2.05 -32.69 5.71
CA HIS B 78 0.78 -32.83 4.99
C HIS B 78 0.80 -32.02 3.69
N LEU B 79 1.58 -30.95 3.68
CA LEU B 79 1.76 -30.14 2.48
C LEU B 79 2.37 -30.96 1.35
N THR B 80 3.25 -31.88 1.72
CA THR B 80 4.18 -32.46 0.76
C THR B 80 4.03 -33.97 0.55
N THR B 81 3.86 -34.71 1.65
CA THR B 81 3.91 -36.17 1.58
C THR B 81 2.92 -36.78 0.59
N PRO B 82 1.70 -36.22 0.51
CA PRO B 82 0.71 -36.75 -0.41
C PRO B 82 0.96 -36.34 -1.85
N VAL B 83 1.88 -35.40 -2.05
CA VAL B 83 2.19 -34.90 -3.38
C VAL B 83 3.45 -35.56 -3.94
N PHE B 84 4.49 -35.63 -3.12
CA PHE B 84 5.76 -36.21 -3.54
C PHE B 84 5.76 -37.73 -3.43
N GLY B 85 5.18 -38.22 -2.34
CA GLY B 85 5.17 -39.66 -2.08
C GLY B 85 5.91 -39.96 -0.79
N THR B 86 5.94 -41.24 -0.46
CA THR B 86 6.38 -41.64 0.87
C THR B 86 7.87 -41.89 0.96
N GLY B 87 8.41 -41.60 2.14
CA GLY B 87 9.76 -42.04 2.50
C GLY B 87 10.93 -41.10 2.26
N VAL B 88 10.66 -39.81 2.03
CA VAL B 88 11.67 -38.85 1.60
C VAL B 88 11.22 -37.45 2.01
N ILE B 89 12.09 -36.47 1.92
CA ILE B 89 11.62 -35.14 2.27
C ILE B 89 11.11 -35.15 3.70
N TYR B 90 9.86 -34.73 3.88
CA TYR B 90 9.28 -34.63 5.21
C TYR B 90 8.57 -35.90 5.70
N ASP B 91 8.64 -36.98 4.92
CA ASP B 91 8.04 -38.22 5.40
C ASP B 91 9.11 -39.18 5.93
N CYS B 92 10.14 -38.60 6.55
CA CYS B 92 11.25 -39.39 7.09
C CYS B 92 11.97 -38.60 8.19
N PRO B 93 12.86 -39.26 8.96
CA PRO B 93 13.59 -38.51 9.97
C PRO B 93 14.49 -37.45 9.35
N ASN B 94 14.86 -36.45 10.14
CA ASN B 94 15.68 -35.35 9.65
C ASN B 94 16.98 -35.87 9.04
N SER B 95 17.59 -36.85 9.70
CA SER B 95 18.86 -37.41 9.24
C SER B 95 18.76 -37.93 7.82
N ARG B 96 17.62 -38.52 7.47
CA ARG B 96 17.42 -39.04 6.12
C ARG B 96 17.27 -37.90 5.12
N LEU B 97 16.62 -36.82 5.54
CA LEU B 97 16.44 -35.64 4.70
C LEU B 97 17.78 -34.97 4.40
N MET B 98 18.60 -34.82 5.45
CA MET B 98 19.92 -34.22 5.29
C MET B 98 20.71 -34.93 4.19
N GLU B 99 20.65 -36.26 4.18
CA GLU B 99 21.40 -37.05 3.22
C GLU B 99 20.81 -36.98 1.82
N GLN B 100 19.48 -36.95 1.74
CA GLN B 100 18.79 -36.80 0.47
C GLN B 100 19.21 -35.49 -0.19
N LYS B 101 19.46 -34.48 0.63
CA LYS B 101 19.92 -33.18 0.13
C LYS B 101 21.35 -33.29 -0.39
N LYS B 102 22.20 -34.00 0.35
CA LYS B 102 23.57 -34.25 -0.08
C LYS B 102 23.56 -35.02 -1.39
N PHE B 103 22.69 -36.03 -1.49
CA PHE B 103 22.55 -36.80 -2.71
C PHE B 103 22.25 -35.89 -3.89
N ALA B 104 21.19 -35.10 -3.74
CA ALA B 104 20.71 -34.24 -4.82
C ALA B 104 21.76 -33.25 -5.28
N LYS B 105 22.60 -32.81 -4.34
CA LYS B 105 23.56 -31.74 -4.62
C LYS B 105 24.61 -32.13 -5.64
N PHE B 106 24.83 -33.44 -5.81
CA PHE B 106 25.83 -33.92 -6.75
C PHE B 106 25.44 -33.62 -8.19
N ALA B 107 24.16 -33.32 -8.40
CA ALA B 107 23.70 -32.92 -9.72
C ALA B 107 23.67 -31.40 -9.84
N LEU B 108 24.03 -30.67 -8.81
CA LEU B 108 23.97 -29.16 -8.83
C LEU B 108 25.22 -28.40 -8.89
N THR B 109 26.29 -29.05 -9.31
CA THR B 109 27.61 -28.46 -9.30
C THR B 109 27.89 -27.70 -10.59
N THR B 110 29.01 -26.98 -10.59
CA THR B 110 29.39 -26.17 -11.73
C THR B 110 29.44 -26.96 -13.03
N ASP B 111 30.00 -28.17 -12.96
CA ASP B 111 30.21 -28.99 -14.14
C ASP B 111 28.88 -29.35 -14.81
N SER B 112 27.86 -29.62 -14.00
CA SER B 112 26.53 -29.90 -14.50
C SER B 112 25.88 -28.62 -15.04
N PHE B 113 26.06 -27.52 -14.32
CA PHE B 113 25.48 -26.24 -14.72
C PHE B 113 25.92 -25.85 -16.12
N LYS B 114 27.20 -26.04 -16.41
CA LYS B 114 27.77 -25.69 -17.71
C LYS B 114 27.02 -26.41 -18.83
N ARG B 115 26.47 -27.57 -18.51
CA ARG B 115 25.78 -28.40 -19.50
C ARG B 115 24.26 -28.16 -19.46
N TYR B 116 23.77 -27.70 -18.32
CA TYR B 116 22.35 -27.35 -18.21
C TYR B 116 22.00 -26.13 -19.05
N VAL B 117 22.91 -25.15 -19.07
CA VAL B 117 22.59 -23.85 -19.64
C VAL B 117 22.10 -23.91 -21.08
N PRO B 118 22.84 -24.63 -21.96
CA PRO B 118 22.38 -24.71 -23.35
C PRO B 118 21.10 -25.52 -23.49
N LYS B 119 20.95 -26.55 -22.65
CA LYS B 119 19.73 -27.33 -22.63
C LYS B 119 18.54 -26.46 -22.27
N ILE B 120 18.72 -25.66 -21.22
CA ILE B 120 17.67 -24.76 -20.75
C ILE B 120 17.32 -23.73 -21.82
N ARG B 121 18.35 -23.19 -22.47
CA ARG B 121 18.13 -22.22 -23.54
C ARG B 121 17.38 -22.86 -24.71
N GLU B 122 17.77 -24.08 -25.07
CA GLU B 122 17.13 -24.80 -26.17
C GLU B 122 15.63 -24.95 -25.93
N GLU B 123 15.27 -25.36 -24.73
CA GLU B 123 13.86 -25.51 -24.37
C GLU B 123 13.10 -24.21 -24.53
N ILE B 124 13.67 -23.12 -24.00
CA ILE B 124 13.03 -21.82 -24.11
C ILE B 124 12.79 -21.46 -25.57
N LEU B 125 13.82 -21.65 -26.39
CA LEU B 125 13.75 -21.32 -27.80
C LEU B 125 12.68 -22.17 -28.49
N ASN B 126 12.62 -23.45 -28.15
CA ASN B 126 11.59 -24.33 -28.69
C ASN B 126 10.21 -23.78 -28.34
N TYR B 127 10.08 -23.27 -27.12
CA TYR B 127 8.81 -22.72 -26.65
C TYR B 127 8.45 -21.45 -27.41
N PHE B 128 9.44 -20.62 -27.67
CA PHE B 128 9.23 -19.39 -28.44
C PHE B 128 8.67 -19.70 -29.83
N VAL B 129 9.13 -20.80 -30.41
CA VAL B 129 8.76 -21.16 -31.78
C VAL B 129 7.38 -21.82 -31.87
N THR B 130 7.05 -22.63 -30.87
CA THR B 130 5.92 -23.54 -30.98
C THR B 130 4.70 -23.11 -30.16
N ASP B 131 4.92 -22.47 -29.02
CA ASP B 131 3.81 -22.06 -28.17
C ASP B 131 3.08 -20.86 -28.76
N GLU B 132 1.76 -20.86 -28.62
CA GLU B 132 0.91 -19.86 -29.26
C GLU B 132 1.06 -18.48 -28.64
N SER B 133 1.63 -18.44 -27.44
CA SER B 133 1.95 -17.17 -26.79
C SER B 133 2.96 -16.43 -27.64
N PHE B 134 3.90 -17.17 -28.26
CA PHE B 134 4.94 -16.53 -29.08
C PHE B 134 4.96 -16.82 -30.60
N LYS B 135 5.17 -18.07 -31.00
CA LYS B 135 5.17 -18.44 -32.40
C LYS B 135 6.02 -17.44 -33.16
N LEU B 136 7.26 -17.28 -32.77
CA LEU B 136 8.12 -16.20 -33.25
C LEU B 136 8.42 -16.26 -34.75
N LYS B 137 8.08 -17.39 -35.37
CA LYS B 137 8.31 -17.55 -36.81
C LYS B 137 7.14 -17.00 -37.61
N GLU B 138 5.99 -16.86 -36.96
CA GLU B 138 4.80 -16.33 -37.62
C GLU B 138 4.55 -14.87 -37.25
N LYS B 139 4.87 -14.49 -36.02
CA LYS B 139 4.43 -13.20 -35.49
C LYS B 139 5.58 -12.22 -35.22
N THR B 140 5.23 -10.95 -35.10
CA THR B 140 6.21 -9.89 -34.85
C THR B 140 5.87 -9.15 -33.55
N HIS B 141 4.62 -9.29 -33.12
CA HIS B 141 4.19 -8.83 -31.81
C HIS B 141 3.28 -9.91 -31.21
N GLY B 142 3.10 -9.87 -29.89
CA GLY B 142 2.26 -10.88 -29.24
C GLY B 142 2.00 -10.59 -27.77
N VAL B 143 1.18 -11.44 -27.15
CA VAL B 143 0.85 -11.29 -25.74
C VAL B 143 1.07 -12.61 -25.02
N ALA B 144 1.77 -12.55 -23.89
CA ALA B 144 2.08 -13.72 -23.10
C ALA B 144 1.51 -13.66 -21.69
N ASN B 145 0.64 -14.61 -21.37
CA ASN B 145 0.18 -14.80 -20.01
C ASN B 145 1.28 -15.52 -19.24
N VAL B 146 1.99 -14.77 -18.38
CA VAL B 146 3.15 -15.32 -17.70
C VAL B 146 2.78 -16.42 -16.69
N MET B 147 1.50 -16.51 -16.36
CA MET B 147 1.02 -17.56 -15.47
C MET B 147 0.72 -18.84 -16.25
N LYS B 148 0.84 -18.74 -17.58
CA LYS B 148 0.88 -19.91 -18.43
C LYS B 148 2.33 -20.23 -18.81
N THR B 149 3.01 -19.21 -19.35
CA THR B 149 4.31 -19.42 -19.98
C THR B 149 5.40 -19.85 -19.00
N GLN B 150 5.42 -19.24 -17.83
CA GLN B 150 6.52 -19.46 -16.90
C GLN B 150 6.44 -20.81 -16.18
N PRO B 151 5.23 -21.23 -15.77
CA PRO B 151 5.13 -22.55 -15.17
C PRO B 151 5.45 -23.64 -16.19
N GLU B 152 5.17 -23.37 -17.46
CA GLU B 152 5.39 -24.34 -18.53
C GLU B 152 6.85 -24.36 -18.96
N ILE B 153 7.41 -23.19 -19.23
CA ILE B 153 8.83 -23.09 -19.56
C ILE B 153 9.68 -23.67 -18.44
N THR B 154 9.31 -23.37 -17.20
CA THR B 154 10.09 -23.81 -16.04
C THR B 154 10.06 -25.33 -15.89
N ILE B 155 8.93 -25.95 -16.19
CA ILE B 155 8.82 -27.40 -16.08
C ILE B 155 9.55 -28.09 -17.22
N PHE B 156 9.54 -27.48 -18.40
CA PHE B 156 10.28 -28.02 -19.54
C PHE B 156 11.79 -27.89 -19.32
N THR B 157 12.23 -26.75 -18.80
CA THR B 157 13.66 -26.49 -18.62
C THR B 157 14.27 -27.34 -17.51
N ALA B 158 13.55 -27.46 -16.39
CA ALA B 158 14.04 -28.25 -15.26
C ALA B 158 14.03 -29.73 -15.61
N SER B 159 12.94 -30.20 -16.19
CA SER B 159 12.82 -31.59 -16.63
C SER B 159 13.98 -31.96 -17.54
N ARG B 160 14.20 -31.13 -18.56
CA ARG B 160 15.28 -31.35 -19.51
C ARG B 160 16.64 -31.38 -18.81
N SER B 161 16.85 -30.42 -17.93
CA SER B 161 18.10 -30.30 -17.18
C SER B 161 18.32 -31.48 -16.24
N LEU B 162 17.42 -31.60 -15.26
CA LEU B 162 17.63 -32.51 -14.14
C LEU B 162 17.40 -33.98 -14.48
N PHE B 163 16.51 -34.23 -15.44
CA PHE B 163 16.13 -35.59 -15.79
C PHE B 163 16.76 -36.07 -17.09
N GLY B 164 17.07 -35.13 -17.98
CA GLY B 164 17.71 -35.47 -19.24
C GLY B 164 16.75 -35.45 -20.42
N ASP B 165 17.25 -35.87 -21.57
CA ASP B 165 16.56 -35.65 -22.84
C ASP B 165 15.41 -36.62 -23.08
N GLU B 166 15.56 -37.84 -22.61
CA GLU B 166 14.51 -38.84 -22.78
C GLU B 166 13.25 -38.50 -22.03
N MET B 167 13.38 -38.02 -20.83
CA MET B 167 12.22 -37.61 -20.05
C MET B 167 11.53 -36.45 -20.75
N ARG B 168 12.32 -35.61 -21.37
CA ARG B 168 11.79 -34.48 -22.09
C ARG B 168 10.98 -34.92 -23.27
N ARG B 169 11.51 -35.90 -23.99
CA ARG B 169 10.91 -36.39 -25.22
C ARG B 169 9.51 -36.84 -24.99
N ILE B 170 9.22 -37.24 -23.77
CA ILE B 170 7.93 -37.75 -23.42
C ILE B 170 7.06 -36.82 -22.56
N PHE B 171 7.33 -35.52 -22.63
CA PHE B 171 6.55 -34.56 -21.84
C PHE B 171 5.51 -33.90 -22.73
N ASP B 172 5.32 -34.46 -23.92
CA ASP B 172 4.25 -34.01 -24.82
C ASP B 172 3.21 -35.08 -25.04
N ARG B 173 3.11 -35.96 -24.02
CA ARG B 173 2.17 -37.09 -24.02
C ARG B 173 1.31 -37.25 -22.75
N SER B 174 0.37 -36.33 -22.50
CA SER B 174 -0.57 -36.42 -21.40
C SER B 174 0.23 -36.52 -20.12
N PHE B 175 1.51 -36.21 -20.21
CA PHE B 175 2.24 -36.31 -18.96
C PHE B 175 1.86 -34.97 -18.35
N ALA B 176 1.58 -34.01 -19.23
CA ALA B 176 1.23 -32.66 -18.80
C ALA B 176 -0.02 -32.71 -17.92
N GLN B 177 -1.00 -33.50 -18.33
CA GLN B 177 -2.21 -33.69 -17.54
C GLN B 177 -1.88 -34.19 -16.14
N LEU B 178 -0.96 -35.13 -16.07
CA LEU B 178 -0.54 -35.71 -14.81
C LEU B 178 0.12 -34.71 -13.88
N TYR B 179 1.03 -33.93 -14.40
CA TYR B 179 1.66 -32.93 -13.60
C TYR B 179 0.70 -31.87 -13.13
N SER B 180 -0.23 -31.55 -13.98
CA SER B 180 -1.28 -30.59 -13.68
C SER B 180 -2.13 -31.07 -12.51
N ASP B 181 -2.49 -32.35 -12.56
CA ASP B 181 -3.24 -32.98 -11.49
C ASP B 181 -2.45 -32.92 -10.19
N LEU B 182 -1.16 -33.24 -10.29
CA LEU B 182 -0.27 -33.22 -9.13
C LEU B 182 -0.12 -31.79 -8.61
N ASP B 183 0.11 -30.86 -9.52
CA ASP B 183 0.25 -29.45 -9.16
C ASP B 183 -1.00 -28.93 -8.46
N LYS B 184 -2.16 -29.29 -9.00
CA LYS B 184 -3.44 -28.86 -8.45
C LYS B 184 -3.62 -29.36 -7.01
N GLY B 185 -2.94 -30.46 -6.68
CA GLY B 185 -3.03 -31.05 -5.35
C GLY B 185 -1.96 -30.53 -4.41
N PHE B 186 -1.12 -29.64 -4.93
CA PHE B 186 -0.04 -29.03 -4.16
C PHE B 186 -0.49 -27.64 -3.72
N THR B 187 -1.10 -27.57 -2.55
CA THR B 187 -1.77 -26.35 -2.10
C THR B 187 -1.67 -26.13 -0.59
N PRO B 188 -1.59 -24.87 -0.16
CA PRO B 188 -1.56 -24.52 1.26
C PRO B 188 -2.77 -25.09 1.98
N ILE B 189 -3.75 -25.50 1.18
CA ILE B 189 -4.97 -26.06 1.73
C ILE B 189 -4.65 -27.29 2.58
N ASN B 190 -3.60 -28.00 2.20
CA ASN B 190 -3.21 -29.27 2.81
C ASN B 190 -2.62 -29.23 4.22
N PHE B 191 -2.32 -28.04 4.72
CA PHE B 191 -1.79 -27.88 6.07
C PHE B 191 -2.98 -28.17 7.03
N VAL B 192 -4.02 -28.57 6.29
CA VAL B 192 -5.34 -29.08 6.64
C VAL B 192 -5.84 -29.81 5.35
N PHE B 193 -6.83 -30.66 5.45
CA PHE B 193 -7.37 -31.25 4.22
C PHE B 193 -6.43 -31.91 3.18
N PRO B 194 -5.51 -32.77 3.62
CA PRO B 194 -4.57 -33.45 2.72
C PRO B 194 -5.23 -34.51 1.86
N ASN B 195 -6.20 -35.22 2.41
CA ASN B 195 -6.93 -36.23 1.66
C ASN B 195 -8.43 -35.98 1.83
N LEU B 196 -9.13 -35.97 0.71
CA LEU B 196 -10.60 -35.92 0.77
C LEU B 196 -11.10 -36.65 -0.52
N PRO B 197 -12.20 -37.39 -0.42
CA PRO B 197 -12.77 -38.26 -1.46
C PRO B 197 -13.37 -37.55 -2.68
N LEU B 198 -13.01 -36.28 -2.87
CA LEU B 198 -13.35 -35.57 -4.10
C LEU B 198 -12.29 -35.90 -5.14
N PRO B 199 -12.68 -35.87 -6.42
CA PRO B 199 -11.77 -36.32 -7.49
C PRO B 199 -10.41 -35.63 -7.50
N HIS B 200 -10.37 -34.32 -7.28
CA HIS B 200 -9.11 -33.59 -7.33
C HIS B 200 -8.02 -34.36 -6.60
N TYR B 201 -8.38 -34.93 -5.45
CA TYR B 201 -7.42 -35.66 -4.61
C TYR B 201 -7.15 -37.07 -5.15
N TRP B 202 -8.16 -37.68 -5.76
CA TRP B 202 -7.99 -38.97 -6.42
C TRP B 202 -7.06 -38.80 -7.62
N ARG B 203 -7.23 -37.69 -8.33
CA ARG B 203 -6.41 -37.38 -9.49
C ARG B 203 -4.97 -37.12 -9.05
N ARG B 204 -4.82 -36.43 -7.92
CA ARG B 204 -3.50 -36.15 -7.37
C ARG B 204 -2.78 -37.44 -6.99
N ASP B 205 -3.46 -38.27 -6.21
CA ASP B 205 -2.89 -39.54 -5.76
C ASP B 205 -2.53 -40.43 -6.94
N ALA B 206 -3.42 -40.47 -7.93
CA ALA B 206 -3.21 -41.28 -9.12
C ALA B 206 -2.03 -40.77 -9.93
N ALA B 207 -1.91 -39.45 -10.02
CA ALA B 207 -0.82 -38.82 -10.76
C ALA B 207 0.52 -39.08 -10.08
N GLN B 208 0.50 -39.00 -8.75
CA GLN B 208 1.70 -39.29 -7.95
C GLN B 208 2.22 -40.69 -8.26
N LYS B 209 1.30 -41.63 -8.40
CA LYS B 209 1.65 -43.03 -8.60
C LYS B 209 2.15 -43.31 -10.01
N LYS B 210 1.54 -42.63 -10.99
CA LYS B 210 1.90 -42.85 -12.39
C LYS B 210 3.19 -42.13 -12.77
N ILE B 211 3.39 -40.95 -12.20
CA ILE B 211 4.60 -40.17 -12.48
C ILE B 211 5.81 -40.83 -11.83
N SER B 212 5.65 -41.26 -10.59
CA SER B 212 6.73 -41.95 -9.88
C SER B 212 7.07 -43.27 -10.58
N ALA B 213 6.03 -43.99 -11.00
CA ALA B 213 6.20 -45.21 -11.76
C ALA B 213 7.01 -44.94 -13.03
N THR B 214 6.67 -43.84 -13.69
CA THR B 214 7.36 -43.43 -14.91
C THR B 214 8.85 -43.21 -14.62
N TYR B 215 9.14 -42.43 -13.59
CA TYR B 215 10.52 -42.20 -13.18
C TYR B 215 11.22 -43.50 -12.84
N MET B 216 10.52 -44.36 -12.10
CA MET B 216 11.07 -45.66 -11.70
C MET B 216 11.55 -46.43 -12.92
N LYS B 217 10.73 -46.46 -13.96
CA LYS B 217 11.08 -47.16 -15.19
C LYS B 217 12.32 -46.55 -15.83
N GLU B 218 12.42 -45.23 -15.78
CA GLU B 218 13.56 -44.52 -16.34
C GLU B 218 14.81 -44.74 -15.51
N ILE B 219 14.64 -44.77 -14.19
CA ILE B 219 15.75 -45.07 -13.29
C ILE B 219 16.35 -46.43 -13.61
N LYS B 220 15.47 -47.42 -13.79
CA LYS B 220 15.91 -48.78 -14.08
C LYS B 220 16.50 -48.88 -15.49
N LEU B 221 15.94 -48.12 -16.42
CA LEU B 221 16.43 -48.10 -17.79
C LEU B 221 17.84 -47.51 -17.86
N ARG B 222 18.04 -46.39 -17.18
CA ARG B 222 19.35 -45.73 -17.22
C ARG B 222 20.40 -46.58 -16.50
N ARG B 223 20.01 -47.14 -15.36
CA ARG B 223 20.89 -48.06 -14.65
C ARG B 223 21.15 -49.31 -15.49
N GLU B 224 20.07 -49.95 -15.92
CA GLU B 224 20.14 -51.27 -16.52
C GLU B 224 20.62 -51.23 -17.98
N ARG B 225 20.92 -50.01 -18.43
CA ARG B 225 21.65 -49.78 -19.67
C ARG B 225 23.15 -49.85 -19.34
N GLY B 226 23.53 -49.29 -18.21
CA GLY B 226 24.91 -49.42 -17.70
C GLY B 226 25.96 -48.36 -17.91
N ASP B 227 25.54 -47.15 -18.31
CA ASP B 227 26.50 -46.07 -18.58
C ASP B 227 26.10 -44.70 -18.04
N ILE B 228 26.17 -44.56 -16.72
CA ILE B 228 26.00 -43.29 -16.07
C ILE B 228 27.47 -42.92 -16.08
N ASP B 229 27.95 -42.66 -17.29
CA ASP B 229 29.39 -42.50 -17.46
C ASP B 229 29.64 -41.03 -17.13
N PRO B 230 29.00 -40.14 -17.90
CA PRO B 230 29.00 -38.73 -17.52
C PRO B 230 28.16 -38.52 -16.27
N ASN B 231 28.51 -37.51 -15.49
CA ASN B 231 27.66 -37.13 -14.36
C ASN B 231 26.66 -36.12 -14.88
N ARG B 232 25.88 -36.59 -15.84
CA ARG B 232 24.97 -35.74 -16.60
C ARG B 232 23.90 -35.05 -15.75
N ASP B 233 23.25 -35.75 -14.82
CA ASP B 233 22.08 -35.15 -14.16
C ASP B 233 21.62 -35.75 -12.83
N LEU B 234 20.44 -35.33 -12.39
CA LEU B 234 19.91 -35.72 -11.08
C LEU B 234 19.58 -37.21 -10.98
N ILE B 235 19.05 -37.78 -12.06
CA ILE B 235 18.75 -39.21 -12.09
C ILE B 235 20.05 -40.01 -12.01
N ASP B 236 21.06 -39.56 -12.75
CA ASP B 236 22.39 -40.16 -12.67
C ASP B 236 22.89 -40.10 -11.23
N SER B 237 22.76 -38.93 -10.62
CA SER B 237 23.34 -38.68 -9.30
C SER B 237 22.71 -39.55 -8.23
N LEU B 238 21.42 -39.79 -8.33
CA LEU B 238 20.69 -40.57 -7.34
C LEU B 238 20.92 -42.06 -7.56
N LEU B 239 21.25 -42.44 -8.79
CA LEU B 239 21.63 -43.80 -9.11
C LEU B 239 22.88 -44.19 -8.33
N ILE B 240 23.86 -43.30 -8.34
CA ILE B 240 25.11 -43.51 -7.62
C ILE B 240 24.95 -43.17 -6.14
N HIS B 241 24.42 -41.98 -5.88
CA HIS B 241 24.27 -41.50 -4.51
C HIS B 241 22.86 -41.75 -3.98
N SER B 242 22.63 -42.96 -3.53
CA SER B 242 21.36 -43.45 -2.93
C SER B 242 21.57 -44.25 -1.62
N THR B 243 22.73 -44.25 -1.02
CA THR B 243 23.00 -45.06 0.17
C THR B 243 23.23 -44.18 1.39
N TYR B 244 22.45 -44.42 2.44
CA TYR B 244 22.59 -43.65 3.67
C TYR B 244 23.83 -44.10 4.42
N LYS B 245 24.23 -43.31 5.42
CA LYS B 245 25.47 -43.55 6.14
C LYS B 245 25.43 -44.84 6.97
N ASP B 246 24.23 -45.32 7.27
CA ASP B 246 24.07 -46.56 8.02
C ASP B 246 23.91 -47.76 7.09
N GLY B 247 24.11 -47.51 5.80
CA GLY B 247 24.13 -48.59 4.81
C GLY B 247 22.77 -48.90 4.20
N VAL B 248 21.73 -48.31 4.77
CA VAL B 248 20.39 -48.45 4.21
C VAL B 248 20.33 -47.77 2.86
N LYS B 249 19.63 -48.41 1.93
CA LYS B 249 19.56 -47.92 0.57
C LYS B 249 18.15 -47.51 0.18
N MET B 250 18.07 -46.32 -0.43
CA MET B 250 16.79 -45.83 -0.89
C MET B 250 16.25 -46.81 -1.93
N THR B 251 14.95 -47.05 -1.87
CA THR B 251 14.30 -47.84 -2.89
C THR B 251 14.12 -47.00 -4.14
N ASP B 252 13.88 -47.65 -5.28
CA ASP B 252 13.70 -46.92 -6.53
C ASP B 252 12.41 -46.10 -6.51
N GLN B 253 11.44 -46.56 -5.72
CA GLN B 253 10.20 -45.79 -5.52
C GLN B 253 10.52 -44.52 -4.74
N GLU B 254 11.39 -44.65 -3.74
CA GLU B 254 11.80 -43.52 -2.92
C GLU B 254 12.59 -42.50 -3.73
N ILE B 255 13.53 -42.98 -4.53
CA ILE B 255 14.31 -42.12 -5.42
C ILE B 255 13.36 -41.33 -6.33
N ALA B 256 12.40 -42.03 -6.91
CA ALA B 256 11.42 -41.41 -7.80
C ALA B 256 10.64 -40.33 -7.08
N ASN B 257 10.23 -40.62 -5.85
CA ASN B 257 9.48 -39.66 -5.04
C ASN B 257 10.34 -38.43 -4.71
N LEU B 258 11.62 -38.66 -4.46
CA LEU B 258 12.57 -37.58 -4.24
C LEU B 258 12.63 -36.70 -5.48
N LEU B 259 12.69 -37.35 -6.64
CA LEU B 259 12.73 -36.63 -7.92
C LEU B 259 11.53 -35.72 -8.08
N ILE B 260 10.36 -36.21 -7.68
CA ILE B 260 9.12 -35.42 -7.77
C ILE B 260 9.20 -34.22 -6.85
N GLY B 261 9.66 -34.44 -5.62
CA GLY B 261 9.85 -33.37 -4.66
C GLY B 261 10.75 -32.27 -5.19
N ILE B 262 11.89 -32.67 -5.74
CA ILE B 262 12.89 -31.71 -6.22
C ILE B 262 12.35 -30.92 -7.41
N LEU B 263 11.72 -31.62 -8.34
CA LEU B 263 11.16 -30.97 -9.53
C LEU B 263 10.08 -29.97 -9.15
N MET B 264 9.14 -30.41 -8.32
CA MET B 264 7.98 -29.59 -7.96
C MET B 264 8.40 -28.39 -7.12
N GLY B 265 9.36 -28.60 -6.22
CA GLY B 265 9.91 -27.53 -5.41
C GLY B 265 10.55 -26.46 -6.30
N GLY B 266 11.53 -26.89 -7.08
CA GLY B 266 12.28 -25.98 -7.94
C GLY B 266 11.42 -25.29 -8.99
N GLN B 267 10.54 -26.07 -9.62
CA GLN B 267 9.70 -25.54 -10.70
C GLN B 267 8.80 -24.42 -10.22
N HIS B 268 8.19 -24.61 -9.05
CA HIS B 268 7.27 -23.63 -8.51
C HIS B 268 7.96 -22.32 -8.13
N THR B 269 9.08 -22.43 -7.41
CA THR B 269 9.81 -21.26 -6.96
C THR B 269 10.41 -20.49 -8.13
N SER B 270 10.89 -21.23 -9.12
CA SER B 270 11.47 -20.61 -10.32
C SER B 270 10.38 -20.00 -11.20
N ALA B 271 9.24 -20.67 -11.25
CA ALA B 271 8.11 -20.20 -12.06
C ALA B 271 7.60 -18.86 -11.55
N SER B 272 7.40 -18.77 -10.24
CA SER B 272 6.94 -17.53 -9.62
C SER B 272 7.95 -16.40 -9.80
N THR B 273 9.22 -16.73 -9.58
CA THR B 273 10.27 -15.72 -9.63
C THR B 273 10.43 -15.10 -11.01
N SER B 274 10.37 -15.93 -12.05
CA SER B 274 10.53 -15.46 -13.42
C SER B 274 9.28 -14.73 -13.89
N ALA B 275 8.13 -15.17 -13.40
CA ALA B 275 6.86 -14.51 -13.69
C ALA B 275 6.90 -13.09 -13.11
N TRP B 276 7.51 -12.96 -11.94
CA TRP B 276 7.60 -11.66 -11.27
C TRP B 276 8.59 -10.71 -11.94
N PHE B 277 9.75 -11.21 -12.36
CA PHE B 277 10.75 -10.32 -12.97
C PHE B 277 10.41 -9.97 -14.42
N LEU B 278 9.59 -10.81 -15.06
CA LEU B 278 9.06 -10.45 -16.38
C LEU B 278 8.08 -9.28 -16.25
N LEU B 279 7.23 -9.33 -15.23
CA LEU B 279 6.23 -8.28 -15.00
C LEU B 279 6.87 -6.97 -14.57
N HIS B 280 7.83 -7.06 -13.66
CA HIS B 280 8.54 -5.88 -13.17
C HIS B 280 9.37 -5.24 -14.28
N LEU B 281 10.02 -6.07 -15.07
CA LEU B 281 10.80 -5.60 -16.21
C LEU B 281 9.87 -4.96 -17.24
N GLY B 282 8.64 -5.46 -17.30
CA GLY B 282 7.64 -4.92 -18.20
C GLY B 282 7.22 -3.52 -17.76
N GLU B 283 7.06 -3.34 -16.46
CA GLU B 283 6.72 -2.04 -15.89
C GLU B 283 7.86 -1.05 -16.06
N LYS B 284 9.10 -1.55 -16.03
CA LYS B 284 10.28 -0.70 -16.18
C LYS B 284 11.16 -1.21 -17.31
N PRO B 285 10.77 -0.91 -18.56
CA PRO B 285 11.41 -1.50 -19.73
C PRO B 285 12.86 -1.07 -19.92
N HIS B 286 13.23 0.08 -19.37
CA HIS B 286 14.59 0.59 -19.49
C HIS B 286 15.58 -0.35 -18.80
N LEU B 287 15.06 -1.16 -17.88
CA LEU B 287 15.89 -2.14 -17.19
C LEU B 287 16.20 -3.32 -18.12
N GLN B 288 15.22 -3.67 -18.96
CA GLN B 288 15.44 -4.67 -19.98
C GLN B 288 16.59 -4.24 -20.89
N ASP B 289 16.58 -2.96 -21.24
CA ASP B 289 17.57 -2.40 -22.18
C ASP B 289 18.98 -2.45 -21.58
N VAL B 290 19.07 -2.18 -20.28
CA VAL B 290 20.36 -2.23 -19.59
C VAL B 290 20.90 -3.65 -19.60
N ILE B 291 20.05 -4.62 -19.27
CA ILE B 291 20.41 -6.03 -19.38
C ILE B 291 20.82 -6.34 -20.81
N TYR B 292 19.97 -5.94 -21.75
CA TYR B 292 20.20 -6.20 -23.17
C TYR B 292 21.57 -5.68 -23.59
N GLN B 293 21.89 -4.48 -23.14
CA GLN B 293 23.16 -3.82 -23.46
C GLN B 293 24.34 -4.63 -22.96
N GLU B 294 24.22 -5.10 -21.72
CA GLU B 294 25.28 -5.87 -21.07
C GLU B 294 25.52 -7.19 -21.77
N VAL B 295 24.42 -7.85 -22.14
CA VAL B 295 24.48 -9.15 -22.81
C VAL B 295 25.10 -9.06 -24.19
N VAL B 296 24.72 -8.03 -24.95
CA VAL B 296 25.17 -7.88 -26.33
C VAL B 296 26.62 -7.43 -26.40
N GLU B 297 27.02 -6.53 -25.51
CA GLU B 297 28.42 -6.12 -25.43
C GLU B 297 29.30 -7.32 -25.08
N LEU B 298 28.83 -8.15 -24.16
CA LEU B 298 29.58 -9.31 -23.77
C LEU B 298 29.77 -10.27 -24.92
N LEU B 299 28.72 -10.51 -25.65
CA LEU B 299 28.77 -11.46 -26.76
C LEU B 299 29.60 -10.94 -27.93
N LYS B 300 29.53 -9.63 -28.15
CA LYS B 300 30.28 -9.02 -29.24
C LYS B 300 31.79 -9.10 -28.98
N GLU B 301 32.16 -9.12 -27.70
CA GLU B 301 33.56 -9.25 -27.31
C GLU B 301 34.06 -10.68 -27.51
N LYS B 302 33.13 -11.57 -27.55
CA LYS B 302 33.38 -12.97 -27.74
C LYS B 302 33.31 -13.32 -29.18
N GLY B 303 32.74 -12.43 -29.96
CA GLY B 303 32.42 -12.65 -31.36
C GLY B 303 31.39 -13.75 -31.54
N GLY B 304 30.35 -13.71 -30.72
CA GLY B 304 29.31 -14.72 -30.72
C GLY B 304 27.87 -14.28 -30.62
N ASP B 305 26.97 -15.25 -30.79
CA ASP B 305 25.49 -15.19 -30.71
C ASP B 305 24.94 -15.81 -29.46
N LEU B 306 23.72 -15.45 -29.08
CA LEU B 306 23.12 -16.03 -27.87
C LEU B 306 23.43 -17.52 -27.72
N ASN B 307 23.60 -18.22 -28.83
CA ASN B 307 23.91 -19.64 -28.79
C ASN B 307 25.27 -19.89 -28.14
N ASP B 308 26.05 -18.82 -28.00
CA ASP B 308 27.39 -18.93 -27.42
C ASP B 308 27.42 -18.48 -25.96
N LEU B 309 26.26 -18.14 -25.42
CA LEU B 309 26.19 -17.66 -24.03
C LEU B 309 26.31 -18.83 -23.07
N THR B 310 27.34 -18.80 -22.23
CA THR B 310 27.66 -19.92 -21.36
C THR B 310 27.32 -19.67 -19.90
N TYR B 311 27.48 -20.71 -19.09
CA TYR B 311 27.40 -20.58 -17.63
C TYR B 311 28.42 -19.56 -17.14
N GLU B 312 29.61 -19.58 -17.72
CA GLU B 312 30.66 -18.64 -17.34
C GLU B 312 30.25 -17.21 -17.66
N ASP B 313 29.54 -17.03 -18.77
CA ASP B 313 29.06 -15.72 -19.17
C ASP B 313 28.06 -15.17 -18.16
N LEU B 314 27.26 -16.05 -17.58
CA LEU B 314 26.29 -15.66 -16.57
C LEU B 314 26.97 -15.05 -15.36
N GLN B 315 28.24 -15.39 -15.15
CA GLN B 315 29.01 -14.87 -14.03
C GLN B 315 29.51 -13.45 -14.30
N LYS B 316 29.41 -12.99 -15.54
CA LYS B 316 29.88 -11.65 -15.90
C LYS B 316 28.73 -10.69 -16.22
N LEU B 317 27.52 -11.05 -15.82
CA LEU B 317 26.33 -10.27 -16.13
C LEU B 317 25.60 -9.84 -14.87
N PRO B 318 26.14 -8.84 -14.15
CA PRO B 318 25.56 -8.42 -12.88
C PRO B 318 24.12 -7.90 -13.04
N SER B 319 23.82 -7.33 -14.20
CA SER B 319 22.47 -6.85 -14.48
C SER B 319 21.47 -7.98 -14.33
N VAL B 320 21.86 -9.16 -14.79
CA VAL B 320 21.00 -10.33 -14.73
C VAL B 320 20.83 -10.83 -13.30
N ASN B 321 21.96 -10.93 -12.59
CA ASN B 321 21.95 -11.47 -11.24
C ASN B 321 21.35 -10.49 -10.23
N ASN B 322 21.54 -9.19 -10.47
CA ASN B 322 20.94 -8.17 -9.63
C ASN B 322 19.42 -8.18 -9.78
N THR B 323 18.95 -8.42 -11.00
CA THR B 323 17.52 -8.44 -11.28
C THR B 323 16.85 -9.59 -10.52
N ILE B 324 17.53 -10.73 -10.47
CA ILE B 324 17.02 -11.90 -9.78
C ILE B 324 17.00 -11.67 -8.28
N LYS B 325 18.08 -11.09 -7.75
CA LYS B 325 18.14 -10.74 -6.33
C LYS B 325 16.98 -9.85 -5.93
N GLU B 326 16.72 -8.82 -6.73
CA GLU B 326 15.70 -7.83 -6.42
C GLU B 326 14.30 -8.44 -6.48
N THR B 327 14.11 -9.37 -7.41
CA THR B 327 12.83 -10.06 -7.53
C THR B 327 12.63 -10.94 -6.30
N LEU B 328 13.70 -11.61 -5.87
CA LEU B 328 13.66 -12.46 -4.69
C LEU B 328 13.48 -11.63 -3.42
N ARG B 329 13.97 -10.40 -3.45
CA ARG B 329 13.73 -9.48 -2.33
C ARG B 329 12.26 -9.07 -2.33
N MET B 330 11.81 -8.55 -3.44
CA MET B 330 10.44 -8.10 -3.57
C MET B 330 9.42 -9.21 -3.53
N HIS B 331 9.77 -10.32 -4.16
CA HIS B 331 8.83 -11.43 -4.30
C HIS B 331 9.44 -12.77 -3.90
N MET B 332 9.71 -12.94 -2.61
CA MET B 332 10.15 -14.22 -2.09
C MET B 332 9.04 -15.24 -2.31
N PRO B 333 9.39 -16.41 -2.86
CA PRO B 333 8.34 -17.37 -3.19
C PRO B 333 7.63 -17.94 -1.97
N LEU B 334 8.37 -18.15 -0.88
CA LEU B 334 7.76 -18.55 0.39
C LEU B 334 7.56 -17.32 1.26
N HIS B 335 6.30 -17.01 1.55
CA HIS B 335 5.99 -15.81 2.35
C HIS B 335 6.29 -16.05 3.83
N SER B 336 6.31 -17.32 4.24
CA SER B 336 6.65 -17.66 5.61
C SER B 336 7.22 -19.07 5.72
N ILE B 337 7.91 -19.32 6.82
CA ILE B 337 8.60 -20.59 7.06
C ILE B 337 8.34 -21.04 8.50
N PHE B 338 7.92 -22.25 8.69
CA PHE B 338 7.67 -22.60 10.03
C PHE B 338 8.11 -23.96 10.50
N ARG B 339 8.16 -24.09 11.80
CA ARG B 339 8.52 -25.36 12.43
C ARG B 339 7.53 -25.60 13.57
N LYS B 340 7.24 -26.86 13.86
CA LYS B 340 6.44 -27.16 15.04
C LYS B 340 7.36 -27.27 16.25
N VAL B 341 6.96 -26.66 17.35
CA VAL B 341 7.75 -26.64 18.57
C VAL B 341 7.55 -27.94 19.36
N THR B 342 8.62 -28.70 19.54
CA THR B 342 8.55 -30.00 20.19
C THR B 342 8.99 -29.94 21.64
N ASN B 343 9.64 -28.84 22.01
CA ASN B 343 10.08 -28.62 23.38
C ASN B 343 9.96 -27.14 23.73
N PRO B 344 9.46 -26.82 24.94
CA PRO B 344 9.31 -25.42 25.31
C PRO B 344 10.60 -24.65 25.05
N LEU B 345 10.46 -23.49 24.40
CA LEU B 345 11.61 -22.71 23.97
C LEU B 345 11.70 -21.34 24.63
N ARG B 346 12.83 -21.05 25.21
CA ARG B 346 13.03 -19.75 25.73
C ARG B 346 13.62 -18.90 24.63
N ILE B 347 13.05 -17.73 24.48
CA ILE B 347 13.50 -16.77 23.49
C ILE B 347 14.56 -15.85 24.09
N PRO B 348 15.80 -15.95 23.59
CA PRO B 348 16.94 -15.25 24.18
C PRO B 348 16.75 -13.74 24.28
N GLU B 349 17.17 -13.17 25.40
CA GLU B 349 17.09 -11.73 25.62
C GLU B 349 15.65 -11.28 25.83
N THR B 350 14.80 -12.20 26.26
CA THR B 350 13.43 -11.89 26.63
C THR B 350 12.99 -12.75 27.80
N ASN B 351 11.76 -12.53 28.26
CA ASN B 351 11.15 -13.35 29.29
C ASN B 351 10.09 -14.27 28.69
N TYR B 352 10.05 -14.31 27.37
CA TYR B 352 9.08 -15.14 26.66
C TYR B 352 9.50 -16.61 26.63
N ILE B 353 8.53 -17.47 26.75
CA ILE B 353 8.74 -18.86 26.54
C ILE B 353 7.70 -19.29 25.52
N VAL B 354 8.10 -20.04 24.51
CA VAL B 354 7.20 -20.54 23.47
C VAL B 354 6.83 -21.98 23.78
N PRO B 355 5.55 -22.20 24.15
CA PRO B 355 5.11 -23.53 24.59
C PRO B 355 5.26 -24.60 23.51
N LYS B 356 5.42 -25.83 23.96
CA LYS B 356 5.38 -26.99 23.09
C LYS B 356 4.02 -27.06 22.40
N GLY B 357 4.02 -27.37 21.11
CA GLY B 357 2.80 -27.48 20.33
C GLY B 357 2.54 -26.26 19.46
N HIS B 358 3.13 -25.13 19.83
CA HIS B 358 3.10 -23.95 18.98
C HIS B 358 3.83 -24.22 17.67
N TYR B 359 3.55 -23.38 16.68
CA TYR B 359 4.35 -23.34 15.46
C TYR B 359 5.12 -22.03 15.44
N VAL B 360 6.45 -22.10 15.47
CA VAL B 360 7.26 -20.90 15.32
C VAL B 360 7.33 -20.52 13.84
N LEU B 361 7.10 -19.24 13.56
CA LEU B 361 7.03 -18.76 12.20
C LEU B 361 8.03 -17.64 11.96
N VAL B 362 8.79 -17.76 10.87
CA VAL B 362 9.73 -16.71 10.53
C VAL B 362 9.47 -16.28 9.09
N SER B 363 9.67 -14.99 8.85
CA SER B 363 9.31 -14.41 7.57
C SER B 363 10.34 -13.41 7.06
N PRO B 364 11.33 -13.92 6.30
CA PRO B 364 12.33 -13.06 5.70
C PRO B 364 11.72 -12.08 4.72
N GLY B 365 10.63 -12.47 4.06
CA GLY B 365 9.95 -11.57 3.13
C GLY B 365 9.55 -10.29 3.84
N TYR B 366 9.14 -10.41 5.11
CA TYR B 366 8.81 -9.22 5.87
C TYR B 366 9.98 -8.23 5.89
N ALA B 367 11.16 -8.75 6.22
CA ALA B 367 12.36 -7.92 6.33
C ALA B 367 12.80 -7.39 4.96
N HIS B 368 12.62 -8.22 3.94
CA HIS B 368 12.97 -7.84 2.57
C HIS B 368 12.23 -6.57 2.16
N THR B 369 10.98 -6.49 2.62
CA THR B 369 10.04 -5.47 2.14
C THR B 369 9.77 -4.38 3.16
N SER B 370 10.63 -4.32 4.18
CA SER B 370 10.46 -3.38 5.28
C SER B 370 11.39 -2.18 5.18
N GLU B 371 10.82 -0.99 5.38
CA GLU B 371 11.60 0.25 5.42
C GLU B 371 12.74 0.15 6.42
N ARG B 372 12.52 -0.68 7.44
CA ARG B 372 13.50 -0.84 8.49
C ARG B 372 14.85 -1.32 7.95
N TYR B 373 14.84 -2.11 6.89
CA TYR B 373 16.07 -2.63 6.32
C TYR B 373 16.44 -2.26 4.91
N PHE B 374 15.47 -1.99 4.05
CA PHE B 374 15.75 -1.59 2.68
C PHE B 374 15.08 -0.28 2.32
N ASP B 375 15.84 0.66 1.78
CA ASP B 375 15.30 1.96 1.36
C ASP B 375 14.29 1.81 0.23
N ASN B 376 13.15 2.47 0.37
CA ASN B 376 12.13 2.47 -0.68
C ASN B 376 11.89 1.05 -1.15
N PRO B 377 11.43 0.20 -0.22
CA PRO B 377 11.28 -1.25 -0.45
C PRO B 377 10.30 -1.60 -1.55
N GLU B 378 9.36 -0.71 -1.82
CA GLU B 378 8.32 -0.98 -2.82
C GLU B 378 8.82 -0.70 -4.24
N ASP B 379 10.01 -0.12 -4.35
CA ASP B 379 10.59 0.18 -5.64
C ASP B 379 11.48 -0.96 -6.14
N PHE B 380 11.11 -1.51 -7.29
CA PHE B 380 11.91 -2.54 -7.94
C PHE B 380 13.16 -1.90 -8.54
N ASP B 381 14.28 -2.04 -7.85
CA ASP B 381 15.52 -1.41 -8.26
C ASP B 381 16.69 -2.37 -8.16
N PRO B 382 17.05 -3.02 -9.28
CA PRO B 382 18.16 -3.97 -9.21
C PRO B 382 19.49 -3.31 -8.91
N THR B 383 19.59 -2.00 -9.11
CA THR B 383 20.85 -1.29 -8.92
C THR B 383 21.24 -1.20 -7.45
N ARG B 384 20.28 -1.45 -6.56
CA ARG B 384 20.53 -1.35 -5.12
C ARG B 384 21.54 -2.40 -4.67
N TRP B 385 21.76 -3.39 -5.54
CA TRP B 385 22.63 -4.52 -5.20
C TRP B 385 24.08 -4.26 -5.53
N ASP B 386 24.36 -3.09 -6.12
CA ASP B 386 25.73 -2.66 -6.33
C ASP B 386 26.18 -1.75 -5.18
N THR B 387 25.22 -1.36 -4.34
CA THR B 387 25.51 -0.50 -3.19
C THR B 387 25.85 -1.33 -1.96
N ALA B 388 26.57 -0.72 -1.02
CA ALA B 388 27.11 -1.43 0.13
C ALA B 388 26.07 -1.66 1.22
N ALA B 389 25.10 -0.75 1.31
CA ALA B 389 24.02 -0.89 2.28
C ALA B 389 23.25 -2.18 2.03
N ALA B 390 22.96 -2.45 0.77
CA ALA B 390 22.25 -3.67 0.37
C ALA B 390 23.15 -4.89 0.61
N LYS B 391 24.36 -4.83 0.07
CA LYS B 391 25.35 -5.89 0.28
C LYS B 391 25.38 -6.28 1.75
N ALA B 392 25.47 -5.28 2.61
CA ALA B 392 25.56 -5.49 4.05
C ALA B 392 24.33 -6.24 4.57
N ASN B 393 23.20 -6.05 3.89
CA ASN B 393 21.94 -6.62 4.32
C ASN B 393 21.87 -8.13 4.07
N SER B 394 22.73 -8.60 3.17
CA SER B 394 22.78 -10.02 2.84
C SER B 394 23.75 -10.74 3.76
N VAL B 395 24.28 -10.00 4.73
CA VAL B 395 25.33 -10.53 5.59
C VAL B 395 24.93 -10.60 7.07
N SER B 396 25.30 -11.72 7.70
CA SER B 396 24.93 -11.98 9.08
C SER B 396 26.05 -11.56 10.02
N PHE B 397 25.78 -10.51 10.80
CA PHE B 397 26.79 -9.95 11.69
C PHE B 397 26.92 -10.76 12.98
N ASN B 398 26.29 -11.92 13.02
CA ASN B 398 26.33 -12.78 14.21
C ASN B 398 27.27 -14.02 14.20
N SER B 399 27.36 -14.72 13.09
CA SER B 399 28.18 -15.92 13.05
C SER B 399 28.88 -16.11 11.72
N SER B 400 30.20 -15.92 11.71
CA SER B 400 31.00 -16.06 10.50
C SER B 400 31.41 -17.50 10.26
N ASP B 401 31.16 -18.32 11.27
CA ASP B 401 31.50 -19.71 11.25
C ASP B 401 30.64 -20.52 10.29
N GLU B 402 31.09 -21.71 9.88
CA GLU B 402 30.29 -22.57 9.04
C GLU B 402 30.03 -23.90 9.75
N VAL B 403 28.97 -24.57 9.36
CA VAL B 403 28.57 -25.83 9.98
C VAL B 403 28.03 -26.79 8.94
N ASP B 404 28.31 -28.08 9.11
CA ASP B 404 27.84 -29.09 8.18
C ASP B 404 26.74 -29.95 8.80
N TYR B 405 25.52 -29.83 8.27
CA TYR B 405 24.41 -30.62 8.79
C TYR B 405 24.32 -31.98 8.11
N GLY B 406 25.14 -32.17 7.09
CA GLY B 406 25.17 -33.43 6.35
C GLY B 406 25.03 -33.27 4.84
N PHE B 407 24.79 -32.04 4.41
CA PHE B 407 24.74 -31.77 2.98
C PHE B 407 25.73 -30.68 2.53
N GLY B 408 26.71 -30.37 3.36
CA GLY B 408 27.73 -29.38 3.01
C GLY B 408 27.74 -28.20 3.95
N LYS B 409 28.83 -27.47 3.99
CA LYS B 409 28.90 -26.36 4.89
C LYS B 409 27.95 -25.27 4.53
N VAL B 410 27.25 -24.78 5.54
CA VAL B 410 26.39 -23.63 5.39
C VAL B 410 26.71 -22.64 6.51
N SER B 411 26.26 -21.40 6.34
CA SER B 411 26.52 -20.36 7.32
C SER B 411 25.87 -20.70 8.66
N LYS B 412 26.67 -20.60 9.72
CA LYS B 412 26.17 -20.71 11.09
C LYS B 412 25.39 -19.44 11.41
N GLY B 413 25.69 -18.37 10.68
CA GLY B 413 25.04 -17.09 10.84
C GLY B 413 23.91 -16.89 9.83
N VAL B 414 22.71 -16.63 10.34
CA VAL B 414 21.53 -16.47 9.51
C VAL B 414 20.80 -15.17 9.84
N SER B 415 21.54 -14.24 10.43
CA SER B 415 20.94 -13.04 11.01
C SER B 415 20.90 -11.88 10.01
N SER B 416 20.88 -12.20 8.72
CA SER B 416 20.81 -11.18 7.69
C SER B 416 19.33 -11.00 7.35
N PRO B 417 18.92 -9.75 7.12
CA PRO B 417 17.53 -9.43 6.78
C PRO B 417 17.10 -10.08 5.47
N TYR B 418 18.02 -10.13 4.52
CA TYR B 418 17.76 -10.75 3.23
C TYR B 418 18.12 -12.23 3.32
N LEU B 419 17.13 -13.10 3.27
CA LEU B 419 17.35 -14.53 3.35
C LEU B 419 16.36 -15.31 2.47
N PRO B 420 16.40 -15.12 1.18
CA PRO B 420 15.43 -15.73 0.27
C PRO B 420 15.47 -17.26 0.21
N PHE B 421 16.64 -17.83 0.45
CA PHE B 421 16.83 -19.27 0.42
C PHE B 421 16.92 -19.87 1.82
N GLY B 422 16.48 -19.10 2.81
CA GLY B 422 16.48 -19.56 4.20
C GLY B 422 17.87 -19.74 4.76
N GLY B 423 17.98 -20.53 5.82
CA GLY B 423 19.26 -20.81 6.45
C GLY B 423 19.17 -21.97 7.42
N GLY B 424 20.32 -22.38 7.94
CA GLY B 424 20.38 -23.50 8.89
C GLY B 424 20.24 -24.85 8.20
N ARG B 425 19.70 -25.82 8.93
CA ARG B 425 19.70 -27.20 8.46
C ARG B 425 18.68 -27.46 7.34
N HIS B 426 17.70 -26.59 7.20
CA HIS B 426 16.67 -26.75 6.19
C HIS B 426 16.87 -25.80 5.00
N ARG B 427 18.06 -25.22 4.94
CA ARG B 427 18.40 -24.27 3.89
C ARG B 427 18.20 -24.86 2.50
N CYS B 428 17.95 -24.00 1.52
CA CYS B 428 17.82 -24.44 0.13
C CYS B 428 19.14 -24.99 -0.39
N ILE B 429 19.06 -26.02 -1.23
CA ILE B 429 20.23 -26.54 -1.93
C ILE B 429 20.16 -26.18 -3.41
N GLY B 430 19.13 -25.42 -3.78
CA GLY B 430 18.85 -25.16 -5.20
C GLY B 430 19.14 -23.75 -5.64
N GLU B 431 19.83 -22.99 -4.80
CA GLU B 431 20.06 -21.57 -5.05
C GLU B 431 20.84 -21.31 -6.33
N GLN B 432 21.94 -22.04 -6.51
CA GLN B 432 22.81 -21.83 -7.66
C GLN B 432 22.15 -22.33 -8.94
N PHE B 433 21.39 -23.41 -8.84
CA PHE B 433 20.62 -23.91 -9.97
C PHE B 433 19.55 -22.90 -10.36
N ALA B 434 18.82 -22.41 -9.36
CA ALA B 434 17.80 -21.40 -9.58
C ALA B 434 18.40 -20.21 -10.35
N TYR B 435 19.55 -19.75 -9.89
CA TYR B 435 20.23 -18.62 -10.54
C TYR B 435 20.66 -18.96 -11.97
N VAL B 436 21.05 -20.21 -12.18
CA VAL B 436 21.45 -20.66 -13.52
C VAL B 436 20.23 -20.73 -14.43
N GLN B 437 19.15 -21.32 -13.92
CA GLN B 437 17.91 -21.47 -14.67
C GLN B 437 17.28 -20.11 -14.96
N LEU B 438 17.16 -19.30 -13.92
CA LEU B 438 16.51 -17.99 -14.04
C LEU B 438 17.34 -17.03 -14.91
N GLY B 439 18.66 -17.14 -14.79
CA GLY B 439 19.57 -16.30 -15.56
C GLY B 439 19.53 -16.63 -17.04
N THR B 440 19.40 -17.93 -17.35
CA THR B 440 19.30 -18.38 -18.72
C THR B 440 17.97 -17.94 -19.33
N ILE B 441 16.92 -18.06 -18.54
CA ILE B 441 15.59 -17.61 -18.96
C ILE B 441 15.59 -16.12 -19.25
N LEU B 442 16.16 -15.35 -18.33
CA LEU B 442 16.13 -13.89 -18.42
C LEU B 442 16.92 -13.38 -19.62
N THR B 443 18.10 -13.97 -19.85
CA THR B 443 18.95 -13.57 -20.96
C THR B 443 18.34 -13.97 -22.29
N THR B 444 17.71 -15.13 -22.32
CA THR B 444 17.10 -15.64 -23.55
C THR B 444 15.89 -14.79 -23.93
N PHE B 445 15.14 -14.36 -22.92
CA PHE B 445 14.02 -13.46 -23.14
C PHE B 445 14.49 -12.10 -23.65
N VAL B 446 15.42 -11.49 -22.92
CA VAL B 446 15.85 -10.12 -23.20
C VAL B 446 16.56 -10.00 -24.55
N TYR B 447 17.32 -11.02 -24.91
CA TYR B 447 18.08 -11.02 -26.16
C TYR B 447 17.16 -11.07 -27.37
N ASN B 448 16.00 -11.71 -27.19
CA ASN B 448 15.08 -11.97 -28.30
C ASN B 448 13.92 -10.99 -28.34
N LEU B 449 13.44 -10.61 -27.16
CA LEU B 449 12.21 -9.83 -27.06
C LEU B 449 12.33 -8.62 -26.15
N ARG B 450 11.40 -7.70 -26.34
CA ARG B 450 11.20 -6.59 -25.42
C ARG B 450 9.71 -6.48 -25.15
N TRP B 451 9.34 -6.29 -23.88
CA TRP B 451 7.93 -6.30 -23.51
C TRP B 451 7.56 -5.16 -22.56
N THR B 452 6.27 -4.87 -22.53
CA THR B 452 5.71 -3.89 -21.60
C THR B 452 4.45 -4.49 -20.98
N ILE B 453 3.91 -3.83 -19.96
CA ILE B 453 2.64 -4.24 -19.39
C ILE B 453 1.59 -3.18 -19.63
N ASP B 454 0.33 -3.60 -19.61
CA ASP B 454 -0.79 -2.72 -19.88
C ASP B 454 -0.92 -1.61 -18.85
N GLY B 455 -0.80 -1.99 -17.58
CA GLY B 455 -1.09 -1.09 -16.47
C GLY B 455 0.12 -0.28 -16.00
N TYR B 456 -0.09 0.49 -14.94
CA TYR B 456 0.97 1.32 -14.38
C TYR B 456 1.82 0.53 -13.40
N LYS B 457 1.20 -0.41 -12.70
CA LYS B 457 1.92 -1.24 -11.73
C LYS B 457 1.75 -2.72 -12.02
N VAL B 458 2.63 -3.54 -11.45
CA VAL B 458 2.51 -4.99 -11.56
C VAL B 458 1.32 -5.45 -10.72
N PRO B 459 0.82 -6.67 -10.97
CA PRO B 459 -0.30 -7.18 -10.20
C PRO B 459 0.00 -7.26 -8.71
N ASP B 460 -1.06 -7.28 -7.91
CA ASP B 460 -0.91 -7.59 -6.48
C ASP B 460 -0.49 -9.05 -6.37
N PRO B 461 0.26 -9.38 -5.30
CA PRO B 461 0.60 -10.76 -5.04
C PRO B 461 -0.59 -11.58 -4.58
N ASP B 462 -0.59 -12.87 -4.92
CA ASP B 462 -1.60 -13.80 -4.42
C ASP B 462 -0.94 -14.82 -3.51
N TYR B 463 -1.48 -14.98 -2.30
CA TYR B 463 -0.81 -15.75 -1.26
C TYR B 463 -1.49 -17.07 -0.93
N SER B 464 -2.49 -17.43 -1.72
CA SER B 464 -3.26 -18.65 -1.46
C SER B 464 -2.68 -19.84 -2.23
N SER B 465 -1.50 -19.63 -2.81
CA SER B 465 -0.78 -20.67 -3.52
C SER B 465 0.38 -21.18 -2.68
N MET B 466 1.06 -22.23 -3.15
CA MET B 466 2.22 -22.75 -2.44
C MET B 466 3.39 -21.77 -2.56
N VAL B 467 3.41 -21.02 -3.66
CA VAL B 467 4.32 -19.90 -3.78
C VAL B 467 3.55 -18.62 -4.06
N VAL B 468 4.17 -17.48 -3.76
CA VAL B 468 3.55 -16.18 -3.98
C VAL B 468 3.53 -15.86 -5.47
N LEU B 469 2.33 -15.83 -6.05
CA LEU B 469 2.17 -15.60 -7.48
C LEU B 469 1.42 -14.31 -7.77
N PRO B 470 1.62 -13.73 -8.96
CA PRO B 470 0.89 -12.54 -9.33
C PRO B 470 -0.60 -12.87 -9.56
N THR B 471 -1.51 -11.96 -9.23
CA THR B 471 -2.95 -12.12 -9.41
C THR B 471 -3.18 -12.24 -10.88
N GLU B 472 -4.08 -13.15 -11.24
CA GLU B 472 -4.15 -13.74 -12.58
C GLU B 472 -4.12 -12.94 -13.86
N PRO B 473 -4.74 -11.78 -13.95
CA PRO B 473 -4.65 -11.14 -15.27
C PRO B 473 -3.17 -10.69 -15.32
N ALA B 474 -2.26 -11.57 -15.71
CA ALA B 474 -0.86 -11.20 -15.71
C ALA B 474 -0.19 -11.43 -17.03
N GLU B 475 -0.09 -10.39 -17.84
CA GLU B 475 0.50 -10.53 -19.14
C GLU B 475 1.46 -9.51 -19.54
N ILE B 476 2.29 -9.88 -20.49
CA ILE B 476 3.26 -8.99 -21.06
C ILE B 476 3.03 -8.90 -22.54
N ILE B 477 3.19 -7.74 -23.09
CA ILE B 477 3.00 -7.51 -24.51
C ILE B 477 4.36 -7.30 -25.17
N TRP B 478 4.77 -8.27 -25.97
CA TRP B 478 6.15 -8.33 -26.44
C TRP B 478 6.32 -7.88 -27.89
N GLU B 479 7.53 -7.38 -28.17
CA GLU B 479 7.98 -7.17 -29.53
C GLU B 479 9.34 -7.83 -29.71
N LYS B 480 9.78 -7.97 -30.95
CA LYS B 480 11.09 -8.55 -31.23
C LYS B 480 12.19 -7.50 -31.16
N ARG B 481 13.33 -7.90 -30.60
CA ARG B 481 14.53 -7.09 -30.71
C ARG B 481 15.23 -7.43 -32.02
N GLU B 482 16.12 -6.54 -32.46
CA GLU B 482 16.84 -6.73 -33.72
C GLU B 482 17.53 -8.09 -33.75
N THR B 483 17.91 -8.55 -32.58
CA THR B 483 18.64 -9.76 -32.39
C THR B 483 17.83 -11.00 -32.28
N CYS B 484 16.53 -10.93 -32.47
CA CYS B 484 15.68 -12.09 -32.39
C CYS B 484 16.20 -13.15 -33.33
N MET B 485 16.27 -14.36 -32.82
CA MET B 485 16.94 -15.44 -33.53
C MET B 485 16.02 -16.11 -34.55
N PHE B 486 14.75 -15.73 -34.55
CA PHE B 486 13.77 -16.34 -35.44
C PHE B 486 13.16 -15.32 -36.38
CHA HEM C . -19.08 21.53 4.79
CHB HEM C . -14.95 20.07 2.95
CHC HEM C . -13.16 24.46 3.55
CHD HEM C . -17.15 25.78 5.79
C1A HEM C . -18.12 20.77 4.23
C2A HEM C . -18.30 19.42 3.87
C3A HEM C . -17.15 19.02 3.35
C4A HEM C . -16.25 20.10 3.39
CMA HEM C . -16.90 17.64 2.81
CAA HEM C . -19.54 18.57 3.98
CBA HEM C . -19.70 18.01 5.39
CGA HEM C . -20.89 17.13 5.60
O1A HEM C . -21.14 16.72 6.70
O2A HEM C . -21.63 16.83 4.71
C1B HEM C . -14.10 21.17 2.91
C2B HEM C . -12.82 21.16 2.30
C3B HEM C . -12.31 22.38 2.48
C4B HEM C . -13.33 23.16 3.20
CMB HEM C . -12.15 20.03 1.63
CAB HEM C . -11.02 22.91 2.06
CBB HEM C . -10.09 22.23 1.46
C1C HEM C . -14.08 25.22 4.19
C2C HEM C . -13.95 26.56 4.46
C3C HEM C . -15.06 26.97 5.09
C4C HEM C . -15.90 25.83 5.21
CMC HEM C . -12.80 27.41 4.08
CAC HEM C . -15.40 28.33 5.56
CBC HEM C . -15.01 29.46 5.03
C1D HEM C . -18.02 24.71 5.64
C2D HEM C . -19.41 24.76 6.08
C3D HEM C . -19.93 23.58 5.81
C4D HEM C . -18.87 22.82 5.18
CMD HEM C . -20.08 25.90 6.73
CAD HEM C . -21.36 23.13 6.02
CBD HEM C . -21.68 22.19 7.16
CGD HEM C . -23.14 21.84 7.12
O1D HEM C . -23.91 22.36 6.40
O2D HEM C . -23.61 20.97 7.82
NA HEM C . -16.85 21.16 3.99
NB HEM C . -14.36 22.38 3.41
NC HEM C . -15.25 24.80 4.67
ND HEM C . -17.75 23.52 5.11
FE HEM C . -16.13 22.97 4.37
FBE VT1 D . -12.32 8.48 14.20
CBD VT1 D . -13.23 8.89 13.30
FBF VT1 D . -14.40 9.05 13.91
FBG VT1 D . -13.35 7.97 12.35
CBC VT1 D . -12.77 10.19 12.70
OBB VT1 D . -13.60 10.28 11.53
CBA VT1 D . -14.11 11.53 11.36
CBH VT1 D . -15.33 11.74 10.71
CBI VT1 D . -15.82 13.03 10.55
CAZ VT1 D . -13.38 12.63 11.81
CAY VT1 D . -13.88 13.92 11.64
CAX VT1 D . -15.09 14.12 11.00
CAW VT1 D . -15.58 15.42 10.88
CBJ VT1 D . -14.70 16.50 10.92
NBK VT1 D . -15.18 17.81 10.89
CAV VT1 D . -16.94 15.69 10.88
CAU VT1 D . -17.39 17.01 10.84
CAT VT1 D . -16.49 18.07 10.78
CAQ VT1 D . -16.96 19.38 10.90
FAR VT1 D . -16.30 19.98 11.89
FAS VT1 D . -18.24 19.37 11.19
CAB VT1 D . -16.75 20.20 9.62
CAC VT1 D . -15.28 20.22 9.28
NAD VT1 D . -15.20 21.21 8.16
NAH VT1 D . -14.51 22.13 8.11
NAG VT1 D . -14.61 22.72 7.07
NAF VT1 D . -15.34 22.21 6.34
CAE VT1 D . -15.81 21.15 6.98
OAA VT1 D . -17.49 19.60 8.56
CAI VT1 D . -17.22 21.51 9.82
CAO VT1 D . -16.51 22.42 10.60
FAP VT1 D . -15.32 22.07 11.15
CAN VT1 D . -17.00 23.70 10.79
CAL VT1 D . -18.21 24.09 10.21
FAM VT1 D . -18.70 25.34 10.40
CAK VT1 D . -18.92 23.17 9.44
CAJ VT1 D . -18.42 21.89 9.25
CHA HEM E . 14.59 -25.17 0.90
CHB HEM E . 13.75 -21.08 -1.36
CHC HEM E . 14.68 -23.23 -5.52
CHD HEM E . 15.11 -27.39 -3.29
C1A HEM E . 14.30 -23.87 0.62
C2A HEM E . 13.96 -22.94 1.61
C3A HEM E . 13.72 -21.80 0.97
C4A HEM E . 13.90 -22.02 -0.40
CMA HEM E . 13.37 -20.50 1.62
CAA HEM E . 13.91 -23.14 3.10
CBA HEM E . 12.60 -23.78 3.53
CGA HEM E . 12.40 -23.96 5.02
O1A HEM E . 11.41 -24.52 5.42
O2A HEM E . 13.21 -23.58 5.83
C1B HEM E . 13.96 -21.31 -2.71
C2B HEM E . 13.90 -20.29 -3.69
C3B HEM E . 14.16 -20.89 -4.86
C4B HEM E . 14.37 -22.31 -4.56
CMB HEM E . 13.63 -18.86 -3.43
CAB HEM E . 14.25 -20.39 -6.22
CBB HEM E . 14.14 -19.14 -6.54
C1C HEM E . 14.94 -24.53 -5.31
C2C HEM E . 15.40 -25.43 -6.26
C3C HEM E . 15.53 -26.64 -5.63
C4C HEM E . 15.14 -26.45 -4.29
CMC HEM E . 15.72 -25.15 -7.70
CAC HEM E . 15.99 -27.91 -6.21
CBC HEM E . 16.60 -28.02 -7.37
C1D HEM E . 15.05 -27.07 -1.93
C2D HEM E . 15.27 -28.07 -0.93
C3D HEM E . 15.11 -27.48 0.24
C4D HEM E . 14.81 -26.09 -0.09
CMD HEM E . 15.59 -29.49 -1.18
CAD HEM E . 15.28 -28.08 1.58
CBD HEM E . 14.04 -28.26 2.45
CGD HEM E . 14.40 -28.88 3.76
O1D HEM E . 15.54 -29.17 4.04
O2D HEM E . 13.56 -29.11 4.59
NA HEM E . 14.21 -23.32 -0.62
NB HEM E . 14.24 -22.48 -3.28
NC HEM E . 14.80 -25.17 -4.15
ND HEM E . 14.78 -25.91 -1.40
FE HEM E . 14.47 -24.31 -2.30
FBE VT1 F . -1.30 -21.55 4.53
CBD VT1 F . -0.18 -20.88 4.75
FBF VT1 F . 0.67 -21.66 5.42
FBG VT1 F . -0.45 -19.79 5.46
CBC VT1 F . 0.43 -20.49 3.43
OBB VT1 F . 1.76 -20.13 3.82
CBA VT1 F . 2.70 -21.02 3.37
CBH VT1 F . 3.92 -21.16 4.02
CBI VT1 F . 4.87 -22.07 3.55
CAZ VT1 F . 2.45 -21.78 2.24
CAY VT1 F . 3.39 -22.68 1.77
CAX VT1 F . 4.62 -22.82 2.42
CAW VT1 F . 5.54 -23.76 1.96
CBJ VT1 F . 5.76 -23.93 0.60
NBK VT1 F . 6.62 -24.93 0.15
CAV VT1 F . 6.15 -24.64 2.85
CAU VT1 F . 7.01 -25.62 2.37
CAT VT1 F . 7.30 -25.71 1.01
CAQ VT1 F . 8.03 -26.80 0.53
FAR VT1 F . 7.31 -27.45 -0.35
FAS VT1 F . 8.32 -27.61 1.54
CAB VT1 F . 9.35 -26.35 -0.12
CAC VT1 F . 9.04 -25.45 -1.29
NAD VT1 F . 10.37 -25.24 -1.94
NAH VT1 F . 10.61 -25.40 -3.05
NAG VT1 F . 11.72 -25.11 -3.35
NAF VT1 F . 12.31 -24.66 -2.46
CAE VT1 F . 11.46 -24.69 -1.43
OAA VT1 F . 10.15 -25.65 0.83
CAI VT1 F . 10.04 -27.49 -0.56
CAO VT1 F . 9.64 -28.16 -1.71
FAP VT1 F . 8.61 -27.69 -2.44
CAN VT1 F . 10.31 -29.30 -2.12
CAL VT1 F . 11.40 -29.78 -1.38
FAM VT1 F . 12.06 -30.90 -1.80
CAK VT1 F . 11.78 -29.12 -0.23
CAJ VT1 F . 11.10 -27.98 0.18
#